data_3GJH
# 
_entry.id   3GJH 
# 
_audit_conform.dict_name       mmcif_pdbx.dic 
_audit_conform.dict_version    5.380 
_audit_conform.dict_location   http://mmcif.pdb.org/dictionaries/ascii/mmcif_pdbx.dic 
# 
loop_
_database_2.database_id 
_database_2.database_code 
_database_2.pdbx_database_accession 
_database_2.pdbx_DOI 
PDB   3GJH         pdb_00003gjh 10.2210/pdb3gjh/pdb 
NDB   DD104        ?            ?                   
RCSB  RCSB051937   ?            ?                   
WWPDB D_1000051937 ?            ?                   
# 
loop_
_pdbx_database_related.db_name 
_pdbx_database_related.db_id 
_pdbx_database_related.details 
_pdbx_database_related.content_type 
PDB 3GJJ . unspecified 
PDB 3GJK . unspecified 
PDB 3GJL . unspecified 
# 
_pdbx_database_status.status_code                     REL 
_pdbx_database_status.entry_id                        3GJH 
_pdbx_database_status.recvd_initial_deposition_date   2009-03-09 
_pdbx_database_status.deposit_site                    RCSB 
_pdbx_database_status.process_site                    PDBJ 
_pdbx_database_status.status_code_sf                  REL 
_pdbx_database_status.status_code_mr                  ? 
_pdbx_database_status.SG_entry                        ? 
_pdbx_database_status.pdb_format_compatible           Y 
_pdbx_database_status.status_code_cs                  ? 
_pdbx_database_status.status_code_nmr_data            ? 
_pdbx_database_status.methods_development_category    ? 
# 
loop_
_audit_author.name 
_audit_author.pdbx_ordinal 
'Takenaka, A.'  1 
'Juan, E.C.M.'  2 
'Shimizu, S.'   3 
'Haraguchi, T.' 4 
'Xiao, M.'      5 
'Kurose, T.'    6 
# 
_citation.id                        primary 
_citation.title                     
;Insights into the stabilizing contributions of bicyclic cytosine analogues: crystal structures of DNA duplexes containing 7,8-dihydropyridol[2,3-d]pyrimidin-2-one
;
_citation.journal_abbrev            'To be Published' 
_citation.journal_volume            ? 
_citation.page_first                ? 
_citation.page_last                 ? 
_citation.year                      ? 
_citation.journal_id_ASTM           ? 
_citation.country                   ? 
_citation.journal_id_ISSN           ? 
_citation.journal_id_CSD            0353 
_citation.book_publisher            ? 
_citation.pdbx_database_id_PubMed   ? 
_citation.pdbx_database_id_DOI      ? 
# 
loop_
_citation_author.citation_id 
_citation_author.name 
_citation_author.ordinal 
_citation_author.identifier_ORCID 
primary 'Takenaka, A.'     1  ? 
primary 'Juan, E.C.M.'     2  ? 
primary 'Shimizu, S.'      3  ? 
primary 'Haraguchi, T.'    4  ? 
primary 'Xiao, M.'         5  ? 
primary 'Kurose, T.'       6  ? 
primary 'Ohkubo, A.'       7  ? 
primary 'Sekine, M.'       8  ? 
primary 'Shibata, T.'      9  ? 
primary 'Millington, C.L.' 10 ? 
# 
_cell.entry_id           3GJH 
_cell.length_a           25.207 
_cell.length_b           41.379 
_cell.length_c           64.866 
_cell.angle_alpha        90.00 
_cell.angle_beta         90.00 
_cell.angle_gamma        90.00 
_cell.Z_PDB              8 
_cell.pdbx_unique_axis   ? 
_cell.length_a_esd       ? 
_cell.length_b_esd       ? 
_cell.length_c_esd       ? 
_cell.angle_alpha_esd    ? 
_cell.angle_beta_esd     ? 
_cell.angle_gamma_esd    ? 
# 
_symmetry.entry_id                         3GJH 
_symmetry.space_group_name_H-M             'P 21 21 21' 
_symmetry.pdbx_full_space_group_name_H-M   ? 
_symmetry.cell_setting                     ? 
_symmetry.Int_Tables_number                19 
_symmetry.space_group_name_Hall            ? 
# 
loop_
_entity.id 
_entity.type 
_entity.src_method 
_entity.pdbx_description 
_entity.formula_weight 
_entity.pdbx_number_of_molecules 
_entity.pdbx_ec 
_entity.pdbx_mutation 
_entity.pdbx_fragment 
_entity.details 
1 polymer     syn "5'-D(*CP*GP*CP*GP*AP*AP*TP*TP*(B7C)P*GP*CP*G)-3'" 3701.440 2  ? ? ? ? 
2 non-polymer syn '6-AMIDINE-2-(4-AMIDINO-PHENYL)INDOLE'             277.324  1  ? ? ? ? 
3 water       nat water                                              18.015   16 ? ? ? ? 
# 
_entity_poly.entity_id                      1 
_entity_poly.type                           polydeoxyribonucleotide 
_entity_poly.nstd_linkage                   no 
_entity_poly.nstd_monomer                   yes 
_entity_poly.pdbx_seq_one_letter_code       '(DC)(DG)(DC)(DG)(DA)(DA)(DT)(DT)(B7C)(DG)(DC)(DG)' 
_entity_poly.pdbx_seq_one_letter_code_can   CGCGAATTXGCG 
_entity_poly.pdbx_strand_id                 A,B 
_entity_poly.pdbx_target_identifier         ? 
# 
loop_
_entity_poly_seq.entity_id 
_entity_poly_seq.num 
_entity_poly_seq.mon_id 
_entity_poly_seq.hetero 
1 1  DC  n 
1 2  DG  n 
1 3  DC  n 
1 4  DG  n 
1 5  DA  n 
1 6  DA  n 
1 7  DT  n 
1 8  DT  n 
1 9  B7C n 
1 10 DG  n 
1 11 DC  n 
1 12 DG  n 
# 
_struct_ref.id                         1 
_struct_ref.db_name                    PDB 
_struct_ref.db_code                    3GJH 
_struct_ref.pdbx_db_accession          3GJH 
_struct_ref.entity_id                  1 
_struct_ref.pdbx_align_begin           ? 
_struct_ref.pdbx_seq_one_letter_code   ? 
_struct_ref.pdbx_db_isoform            ? 
# 
loop_
_struct_ref_seq.align_id 
_struct_ref_seq.ref_id 
_struct_ref_seq.pdbx_PDB_id_code 
_struct_ref_seq.pdbx_strand_id 
_struct_ref_seq.seq_align_beg 
_struct_ref_seq.pdbx_seq_align_beg_ins_code 
_struct_ref_seq.seq_align_end 
_struct_ref_seq.pdbx_seq_align_end_ins_code 
_struct_ref_seq.pdbx_db_accession 
_struct_ref_seq.db_align_beg 
_struct_ref_seq.pdbx_db_align_beg_ins_code 
_struct_ref_seq.db_align_end 
_struct_ref_seq.pdbx_db_align_end_ins_code 
_struct_ref_seq.pdbx_auth_seq_align_beg 
_struct_ref_seq.pdbx_auth_seq_align_end 
1 1 3GJH A 1 ? 12 ? 3GJH 1  ? 12 ? 1  12 
2 1 3GJH B 1 ? 12 ? 3GJH 13 ? 24 ? 13 24 
# 
loop_
_chem_comp.id 
_chem_comp.type 
_chem_comp.mon_nstd_flag 
_chem_comp.name 
_chem_comp.pdbx_synonyms 
_chem_comp.formula 
_chem_comp.formula_weight 
B7C 'DNA linking' n '3-(2-deoxy-5-O-phosphono-beta-D-erythro-pentofuranosyl)-7,8-dihydropyrido[2,3-d]pyrimidin-2(3H)-one' ? 
'C12 H16 N3 O7 P' 345.245 
DA  'DNA linking' y "2'-DEOXYADENOSINE-5'-MONOPHOSPHATE"                                                                  ? 
'C10 H14 N5 O6 P' 331.222 
DAP non-polymer   . '6-AMIDINE-2-(4-AMIDINO-PHENYL)INDOLE'                                                                ? 
'C16 H15 N5'      277.324 
DC  'DNA linking' y "2'-DEOXYCYTIDINE-5'-MONOPHOSPHATE"                                                                   ? 
'C9 H14 N3 O7 P'  307.197 
DG  'DNA linking' y "2'-DEOXYGUANOSINE-5'-MONOPHOSPHATE"                                                                  ? 
'C10 H14 N5 O7 P' 347.221 
DT  'DNA linking' y "THYMIDINE-5'-MONOPHOSPHATE"                                                                          ? 
'C10 H15 N2 O8 P' 322.208 
HOH non-polymer   . WATER                                                                                                 ? 'H2 O' 
18.015  
# 
_exptl.entry_id          3GJH 
_exptl.method            'X-RAY DIFFRACTION' 
_exptl.crystals_number   1 
# 
_exptl_crystal.id                    1 
_exptl_crystal.density_meas          ? 
_exptl_crystal.density_Matthews      2.28 
_exptl_crystal.density_percent_sol   46.17 
_exptl_crystal.description           ? 
_exptl_crystal.F_000                 ? 
_exptl_crystal.preparation           ? 
# 
_exptl_crystal_grow.crystal_id      1 
_exptl_crystal_grow.method          'VAPOR DIFFUSION, HANGING DROP' 
_exptl_crystal_grow.temp            277 
_exptl_crystal_grow.temp_details    ? 
_exptl_crystal_grow.pH              7.0 
_exptl_crystal_grow.pdbx_details    
;20mM Sodium cacodylate (pH7.0), 6mM Spermine tetrahydrochloride, 40mM KCl, 0.2% CHAPSO, 0.30mM DAPI, 5% MPD, VAPOR DIFFUSION, HANGING DROP, temperature 277K
;
_exptl_crystal_grow.pdbx_pH_range   . 
# 
_diffrn.id                     1 
_diffrn.ambient_temp           100 
_diffrn.ambient_temp_details   ? 
_diffrn.crystal_id             1 
# 
_diffrn_detector.diffrn_id              1 
_diffrn_detector.detector               CCD 
_diffrn_detector.type                   'ADSC QUANTUM 210' 
_diffrn_detector.pdbx_collection_date   2007-12-16 
_diffrn_detector.details                mirrors 
# 
_diffrn_radiation.diffrn_id                        1 
_diffrn_radiation.wavelength_id                    1 
_diffrn_radiation.pdbx_monochromatic_or_laue_m_l   M 
_diffrn_radiation.monochromator                    ? 
_diffrn_radiation.pdbx_diffrn_protocol             'SINGLE WAVELENGTH' 
_diffrn_radiation.pdbx_scattering_type             x-ray 
# 
_diffrn_radiation_wavelength.id           1 
_diffrn_radiation_wavelength.wavelength   1.00 
_diffrn_radiation_wavelength.wt           1.0 
# 
_diffrn_source.diffrn_id                   1 
_diffrn_source.source                      SYNCHROTRON 
_diffrn_source.type                        'PHOTON FACTORY BEAMLINE AR-NW12A' 
_diffrn_source.pdbx_synchrotron_site       'Photon Factory' 
_diffrn_source.pdbx_synchrotron_beamline   AR-NW12A 
_diffrn_source.pdbx_wavelength             ? 
_diffrn_source.pdbx_wavelength_list        1.00 
# 
_reflns.entry_id                     3GJH 
_reflns.observed_criterion_sigma_I   0 
_reflns.observed_criterion_sigma_F   0 
_reflns.d_resolution_low             50 
_reflns.d_resolution_high            2.9 
_reflns.number_obs                   1708 
_reflns.number_all                   1708 
_reflns.percent_possible_obs         98.9 
_reflns.pdbx_Rmerge_I_obs            0.064 
_reflns.pdbx_Rsym_value              ? 
_reflns.pdbx_netI_over_sigmaI        38.7 
_reflns.B_iso_Wilson_estimate        ? 
_reflns.pdbx_redundancy              6.1 
_reflns.R_free_details               ? 
_reflns.limit_h_max                  ? 
_reflns.limit_h_min                  ? 
_reflns.limit_k_max                  ? 
_reflns.limit_k_min                  ? 
_reflns.limit_l_max                  ? 
_reflns.limit_l_min                  ? 
_reflns.observed_criterion_F_max     ? 
_reflns.observed_criterion_F_min     ? 
_reflns.pdbx_chi_squared             ? 
_reflns.pdbx_scaling_rejects         ? 
_reflns.pdbx_diffrn_id               1 
_reflns.pdbx_ordinal                 1 
# 
_reflns_shell.d_res_high             2.90 
_reflns_shell.d_res_low              3.00 
_reflns_shell.percent_possible_all   ? 
_reflns_shell.Rmerge_I_obs           0.322 
_reflns_shell.pdbx_Rsym_value        ? 
_reflns_shell.meanI_over_sigI_obs    2.5 
_reflns_shell.pdbx_redundancy        4.2 
_reflns_shell.percent_possible_obs   ? 
_reflns_shell.number_unique_all      ? 
_reflns_shell.number_measured_all    ? 
_reflns_shell.number_measured_obs    ? 
_reflns_shell.number_unique_obs      ? 
_reflns_shell.pdbx_chi_squared       ? 
_reflns_shell.pdbx_diffrn_id         ? 
_reflns_shell.pdbx_ordinal           1 
# 
_refine.entry_id                                 3GJH 
_refine.ls_number_reflns_obs                     1629 
_refine.ls_number_reflns_all                     1689 
_refine.pdbx_ls_sigma_I                          0 
_refine.pdbx_ls_sigma_F                          0 
_refine.pdbx_data_cutoff_high_absF               ? 
_refine.pdbx_data_cutoff_low_absF                ? 
_refine.pdbx_data_cutoff_high_rms_absF           ? 
_refine.ls_d_res_low                             10 
_refine.ls_d_res_high                            2.9 
_refine.ls_percent_reflns_obs                    99.3 
_refine.ls_R_factor_obs                          ? 
_refine.ls_R_factor_all                          ? 
_refine.ls_R_factor_R_work                       0.259 
_refine.ls_R_factor_R_free                       0.306 
_refine.ls_R_factor_R_free_error                 ? 
_refine.ls_R_factor_R_free_error_details         ? 
_refine.ls_percent_reflns_R_free                 ? 
_refine.ls_number_reflns_R_free                  157 
_refine.ls_number_parameters                     ? 
_refine.ls_number_restraints                     ? 
_refine.occupancy_min                            ? 
_refine.occupancy_max                            ? 
_refine.correlation_coeff_Fo_to_Fc               ? 
_refine.correlation_coeff_Fo_to_Fc_free          ? 
_refine.B_iso_mean                               43.9 
_refine.aniso_B[1][1]                            0 
_refine.aniso_B[2][2]                            0 
_refine.aniso_B[3][3]                            0 
_refine.aniso_B[1][2]                            0 
_refine.aniso_B[1][3]                            0 
_refine.aniso_B[2][3]                            0 
_refine.solvent_model_details                    ? 
_refine.solvent_model_param_ksol                 ? 
_refine.solvent_model_param_bsol                 ? 
_refine.pdbx_solvent_vdw_probe_radii             ? 
_refine.pdbx_solvent_ion_probe_radii             ? 
_refine.pdbx_solvent_shrinkage_radii             ? 
_refine.pdbx_ls_cross_valid_method               THROUGHOUT 
_refine.details                                  'Used weighted full matrix least squares procedure' 
_refine.pdbx_starting_model                      1D30 
_refine.pdbx_method_to_determine_struct          'MOLECULAR REPLACEMENT' 
_refine.pdbx_isotropic_thermal_model             Anisotropic 
_refine.pdbx_stereochemistry_target_values       'Engh & Huber' 
_refine.pdbx_stereochem_target_val_spec_case     ? 
_refine.pdbx_R_Free_selection_details            Random 
_refine.pdbx_overall_ESU_R                       ? 
_refine.pdbx_overall_ESU_R_Free                  ? 
_refine.overall_SU_ML                            ? 
_refine.overall_SU_B                             ? 
_refine.ls_redundancy_reflns_obs                 ? 
_refine.B_iso_min                                ? 
_refine.B_iso_max                                ? 
_refine.overall_SU_R_Cruickshank_DPI             ? 
_refine.overall_SU_R_free                        ? 
_refine.ls_wR_factor_R_free                      ? 
_refine.ls_wR_factor_R_work                      ? 
_refine.overall_FOM_free_R_set                   ? 
_refine.overall_FOM_work_R_set                   ? 
_refine.pdbx_refine_id                           'X-RAY DIFFRACTION' 
_refine.pdbx_overall_phase_error                 ? 
_refine.pdbx_diffrn_id                           1 
_refine.pdbx_TLS_residual_ADP_flag               ? 
_refine.pdbx_overall_SU_R_free_Cruickshank_DPI   ? 
_refine.pdbx_overall_SU_R_Blow_DPI               ? 
_refine.pdbx_overall_SU_R_free_Blow_DPI          ? 
# 
_refine_hist.pdbx_refine_id                   'X-RAY DIFFRACTION' 
_refine_hist.cycle_id                         LAST 
_refine_hist.pdbx_number_atoms_protein        0 
_refine_hist.pdbx_number_atoms_nucleic_acid   492 
_refine_hist.pdbx_number_atoms_ligand         21 
_refine_hist.number_atoms_solvent             16 
_refine_hist.number_atoms_total               529 
_refine_hist.d_res_high                       2.9 
_refine_hist.d_res_low                        10 
# 
_refine_ls_shell.pdbx_total_number_of_bins_used   ? 
_refine_ls_shell.d_res_high                       2.90 
_refine_ls_shell.d_res_low                        3.08 
_refine_ls_shell.number_reflns_R_work             ? 
_refine_ls_shell.R_factor_R_work                  0.578 
_refine_ls_shell.percent_reflns_obs               95.9 
_refine_ls_shell.R_factor_R_free                  0.597 
_refine_ls_shell.R_factor_R_free_error            ? 
_refine_ls_shell.percent_reflns_R_free            ? 
_refine_ls_shell.number_reflns_R_free             31 
_refine_ls_shell.number_reflns_all                ? 
_refine_ls_shell.R_factor_all                     ? 
_refine_ls_shell.number_reflns_obs                228 
_refine_ls_shell.redundancy_reflns_obs            ? 
_refine_ls_shell.pdbx_refine_id                   'X-RAY DIFFRACTION' 
# 
_struct.entry_id                  3GJH 
_struct.title                     'Crystal structure of a DNA duplex containing 7,8-dihydropyridol[2,3-d]pyrimidin-2-one' 
_struct.pdbx_model_details        ? 
_struct.pdbx_CASP_flag            ? 
_struct.pdbx_model_type_details   ? 
# 
_struct_keywords.entry_id        3GJH 
_struct_keywords.pdbx_keywords   DNA 
_struct_keywords.text            'DNA duplex, bicyclic cytosine, 7, 8-dihydropyridol[2, 3-d]pyrimidin-2-one, DNA' 
# 
loop_
_struct_asym.id 
_struct_asym.pdbx_blank_PDB_chainid_flag 
_struct_asym.pdbx_modified 
_struct_asym.entity_id 
_struct_asym.details 
A N N 1 ? 
B N N 1 ? 
C N N 2 ? 
D N N 3 ? 
E N N 3 ? 
# 
_struct_biol.id        1 
_struct_biol.details   ? 
# 
loop_
_struct_conn.id 
_struct_conn.conn_type_id 
_struct_conn.pdbx_leaving_atom_flag 
_struct_conn.pdbx_PDB_id 
_struct_conn.ptnr1_label_asym_id 
_struct_conn.ptnr1_label_comp_id 
_struct_conn.ptnr1_label_seq_id 
_struct_conn.ptnr1_label_atom_id 
_struct_conn.pdbx_ptnr1_label_alt_id 
_struct_conn.pdbx_ptnr1_PDB_ins_code 
_struct_conn.pdbx_ptnr1_standard_comp_id 
_struct_conn.ptnr1_symmetry 
_struct_conn.ptnr2_label_asym_id 
_struct_conn.ptnr2_label_comp_id 
_struct_conn.ptnr2_label_seq_id 
_struct_conn.ptnr2_label_atom_id 
_struct_conn.pdbx_ptnr2_label_alt_id 
_struct_conn.pdbx_ptnr2_PDB_ins_code 
_struct_conn.ptnr1_auth_asym_id 
_struct_conn.ptnr1_auth_comp_id 
_struct_conn.ptnr1_auth_seq_id 
_struct_conn.ptnr2_auth_asym_id 
_struct_conn.ptnr2_auth_comp_id 
_struct_conn.ptnr2_auth_seq_id 
_struct_conn.ptnr2_symmetry 
_struct_conn.pdbx_ptnr3_label_atom_id 
_struct_conn.pdbx_ptnr3_label_seq_id 
_struct_conn.pdbx_ptnr3_label_comp_id 
_struct_conn.pdbx_ptnr3_label_asym_id 
_struct_conn.pdbx_ptnr3_label_alt_id 
_struct_conn.pdbx_ptnr3_PDB_ins_code 
_struct_conn.details 
_struct_conn.pdbx_dist_value 
_struct_conn.pdbx_value_order 
_struct_conn.pdbx_role 
covale1  covale both ? A DT  8  "O3'" ? ? ? 1_555 A B7C 9  P  ? ? A DT  8  A B7C 9  1_555 ? ? ? ? ? ? ?            1.595 ? ? 
covale2  covale both ? A B7C 9  "O3'" ? ? ? 1_555 A DG  10 P  ? ? A B7C 9  A DG  10 1_555 ? ? ? ? ? ? ?            1.601 ? ? 
covale3  covale both ? B DT  8  "O3'" ? ? ? 1_555 B B7C 9  P  ? ? B DT  20 B B7C 21 1_555 ? ? ? ? ? ? ?            1.604 ? ? 
covale4  covale both ? B B7C 9  "O3'" ? ? ? 1_555 B DG  10 P  ? ? B B7C 21 B DG  22 1_555 ? ? ? ? ? ? ?            1.606 ? ? 
hydrog1  hydrog ?    ? A DC  1  N3    ? ? ? 1_555 B DG  12 N1 ? ? A DC  1  B DG  24 1_555 ? ? ? ? ? ? WATSON-CRICK ?     ? ? 
hydrog2  hydrog ?    ? A DC  1  N4    ? ? ? 1_555 B DG  12 O6 ? ? A DC  1  B DG  24 1_555 ? ? ? ? ? ? WATSON-CRICK ?     ? ? 
hydrog3  hydrog ?    ? A DC  1  O2    ? ? ? 1_555 B DG  12 N2 ? ? A DC  1  B DG  24 1_555 ? ? ? ? ? ? WATSON-CRICK ?     ? ? 
hydrog4  hydrog ?    ? A DG  2  N1    ? ? ? 1_555 B DC  11 N3 ? ? A DG  2  B DC  23 1_555 ? ? ? ? ? ? WATSON-CRICK ?     ? ? 
hydrog5  hydrog ?    ? A DG  2  N2    ? ? ? 1_555 B DC  11 O2 ? ? A DG  2  B DC  23 1_555 ? ? ? ? ? ? WATSON-CRICK ?     ? ? 
hydrog6  hydrog ?    ? A DG  2  O6    ? ? ? 1_555 B DC  11 N4 ? ? A DG  2  B DC  23 1_555 ? ? ? ? ? ? WATSON-CRICK ?     ? ? 
hydrog7  hydrog ?    ? A DC  3  N3    ? ? ? 1_555 B DG  10 N1 ? ? A DC  3  B DG  22 1_555 ? ? ? ? ? ? WATSON-CRICK ?     ? ? 
hydrog8  hydrog ?    ? A DC  3  N4    ? ? ? 1_555 B DG  10 O6 ? ? A DC  3  B DG  22 1_555 ? ? ? ? ? ? WATSON-CRICK ?     ? ? 
hydrog9  hydrog ?    ? A DC  3  O2    ? ? ? 1_555 B DG  10 N2 ? ? A DC  3  B DG  22 1_555 ? ? ? ? ? ? WATSON-CRICK ?     ? ? 
hydrog10 hydrog ?    ? A DG  4  N1    ? ? ? 1_555 B B7C 9  N3 ? ? A DG  4  B B7C 21 1_555 ? ? ? ? ? ? WATSON-CRICK ?     ? ? 
hydrog11 hydrog ?    ? A DG  4  N2    ? ? ? 1_555 B B7C 9  O2 ? ? A DG  4  B B7C 21 1_555 ? ? ? ? ? ? WATSON-CRICK ?     ? ? 
hydrog12 hydrog ?    ? A DG  4  O6    ? ? ? 1_555 B B7C 9  N4 ? ? A DG  4  B B7C 21 1_555 ? ? ? ? ? ? WATSON-CRICK ?     ? ? 
hydrog13 hydrog ?    ? A DA  5  N1    ? ? ? 1_555 B DT  8  N3 ? ? A DA  5  B DT  20 1_555 ? ? ? ? ? ? WATSON-CRICK ?     ? ? 
hydrog14 hydrog ?    ? A DA  5  N6    ? ? ? 1_555 B DT  8  O4 ? ? A DA  5  B DT  20 1_555 ? ? ? ? ? ? WATSON-CRICK ?     ? ? 
hydrog15 hydrog ?    ? A DA  6  N1    ? ? ? 1_555 B DT  7  N3 ? ? A DA  6  B DT  19 1_555 ? ? ? ? ? ? WATSON-CRICK ?     ? ? 
hydrog16 hydrog ?    ? A DA  6  N6    ? ? ? 1_555 B DT  7  O4 ? ? A DA  6  B DT  19 1_555 ? ? ? ? ? ? WATSON-CRICK ?     ? ? 
hydrog17 hydrog ?    ? A DT  7  N3    ? ? ? 1_555 B DA  6  N1 ? ? A DT  7  B DA  18 1_555 ? ? ? ? ? ? WATSON-CRICK ?     ? ? 
hydrog18 hydrog ?    ? A DT  7  O4    ? ? ? 1_555 B DA  6  N6 ? ? A DT  7  B DA  18 1_555 ? ? ? ? ? ? WATSON-CRICK ?     ? ? 
hydrog19 hydrog ?    ? A DT  8  N3    ? ? ? 1_555 B DA  5  N1 ? ? A DT  8  B DA  17 1_555 ? ? ? ? ? ? WATSON-CRICK ?     ? ? 
hydrog20 hydrog ?    ? A DT  8  O4    ? ? ? 1_555 B DA  5  N6 ? ? A DT  8  B DA  17 1_555 ? ? ? ? ? ? WATSON-CRICK ?     ? ? 
hydrog21 hydrog ?    ? A B7C 9  N3    ? ? ? 1_555 B DG  4  N1 ? ? A B7C 9  B DG  16 1_555 ? ? ? ? ? ? WATSON-CRICK ?     ? ? 
hydrog22 hydrog ?    ? A B7C 9  N4    ? ? ? 1_555 B DG  4  O6 ? ? A B7C 9  B DG  16 1_555 ? ? ? ? ? ? WATSON-CRICK ?     ? ? 
hydrog23 hydrog ?    ? A B7C 9  O2    ? ? ? 1_555 B DG  4  N2 ? ? A B7C 9  B DG  16 1_555 ? ? ? ? ? ? WATSON-CRICK ?     ? ? 
hydrog24 hydrog ?    ? A DG  10 N1    ? ? ? 1_555 B DC  3  N3 ? ? A DG  10 B DC  15 1_555 ? ? ? ? ? ? WATSON-CRICK ?     ? ? 
hydrog25 hydrog ?    ? A DG  10 N2    ? ? ? 1_555 B DC  3  O2 ? ? A DG  10 B DC  15 1_555 ? ? ? ? ? ? WATSON-CRICK ?     ? ? 
hydrog26 hydrog ?    ? A DG  10 O6    ? ? ? 1_555 B DC  3  N4 ? ? A DG  10 B DC  15 1_555 ? ? ? ? ? ? WATSON-CRICK ?     ? ? 
hydrog27 hydrog ?    ? A DC  11 N3    ? ? ? 1_555 B DG  2  N1 ? ? A DC  11 B DG  14 1_555 ? ? ? ? ? ? WATSON-CRICK ?     ? ? 
hydrog28 hydrog ?    ? A DC  11 N4    ? ? ? 1_555 B DG  2  O6 ? ? A DC  11 B DG  14 1_555 ? ? ? ? ? ? WATSON-CRICK ?     ? ? 
hydrog29 hydrog ?    ? A DC  11 O2    ? ? ? 1_555 B DG  2  N2 ? ? A DC  11 B DG  14 1_555 ? ? ? ? ? ? WATSON-CRICK ?     ? ? 
hydrog30 hydrog ?    ? A DG  12 N1    ? ? ? 1_555 B DC  1  N3 ? ? A DG  12 B DC  13 1_555 ? ? ? ? ? ? WATSON-CRICK ?     ? ? 
hydrog31 hydrog ?    ? A DG  12 N2    ? ? ? 1_555 B DC  1  O2 ? ? A DG  12 B DC  13 1_555 ? ? ? ? ? ? WATSON-CRICK ?     ? ? 
hydrog32 hydrog ?    ? A DG  12 O6    ? ? ? 1_555 B DC  1  N4 ? ? A DG  12 B DC  13 1_555 ? ? ? ? ? ? WATSON-CRICK ?     ? ? 
# 
loop_
_struct_conn_type.id 
_struct_conn_type.criteria 
_struct_conn_type.reference 
covale ? ? 
hydrog ? ? 
# 
loop_
_struct_site.id 
_struct_site.pdbx_evidence_code 
_struct_site.pdbx_auth_asym_id 
_struct_site.pdbx_auth_comp_id 
_struct_site.pdbx_auth_seq_id 
_struct_site.pdbx_auth_ins_code 
_struct_site.pdbx_num_residues 
_struct_site.details 
AC1 Software B DAP 25 ? 10 'BINDING SITE FOR RESIDUE DAP B 25' 
1   ?        ? ?   ?  ? ?  ?                                   
# 
loop_
_struct_site_gen.id 
_struct_site_gen.site_id 
_struct_site_gen.pdbx_num_res 
_struct_site_gen.label_comp_id 
_struct_site_gen.label_asym_id 
_struct_site_gen.label_seq_id 
_struct_site_gen.pdbx_auth_ins_code 
_struct_site_gen.auth_comp_id 
_struct_site_gen.auth_asym_id 
_struct_site_gen.auth_seq_id 
_struct_site_gen.label_atom_id 
_struct_site_gen.label_alt_id 
_struct_site_gen.symmetry 
_struct_site_gen.details 
1  AC1 10 DT  A 7  ? DT  A 7  . ? 1_555 ? 
2  AC1 10 DT  A 8  ? DT  A 8  . ? 1_555 ? 
3  AC1 10 B7C A 9  ? B7C A 9  . ? 1_555 ? 
4  AC1 10 DG  A 10 ? DG  A 10 . ? 1_555 ? 
5  AC1 10 HOH E .  ? HOH B 3  . ? 1_555 ? 
6  AC1 10 DA  B 5  ? DA  B 17 . ? 1_555 ? 
7  AC1 10 DA  B 6  ? DA  B 18 . ? 1_555 ? 
8  AC1 10 DT  B 7  ? DT  B 19 . ? 1_555 ? 
9  AC1 10 DT  B 8  ? DT  B 20 . ? 1_555 ? 
10 AC1 10 B7C B 9  ? B7C B 21 . ? 1_555 ? 
# 
_atom_sites.entry_id                    3GJH 
_atom_sites.fract_transf_matrix[1][1]   0.03613746 
_atom_sites.fract_transf_matrix[1][2]   0.01508054 
_atom_sites.fract_transf_matrix[1][3]   0.00636621 
_atom_sites.fract_transf_matrix[2][1]   -0.00936164 
_atom_sites.fract_transf_matrix[2][2]   0.01580327 
_atom_sites.fract_transf_matrix[2][3]   0.01570542 
_atom_sites.fract_transf_matrix[3][1]   0.00219062 
_atom_sites.fract_transf_matrix[3][2]   -0.01008412 
_atom_sites.fract_transf_matrix[3][3]   0.01145272 
_atom_sites.fract_transf_vector[1]      0.430033 
_atom_sites.fract_transf_vector[2]      0.028813 
_atom_sites.fract_transf_vector[3]      0.373324 
# 
loop_
_atom_type.symbol 
C 
N 
O 
P 
# 
loop_
_atom_site.group_PDB 
_atom_site.id 
_atom_site.type_symbol 
_atom_site.label_atom_id 
_atom_site.label_alt_id 
_atom_site.label_comp_id 
_atom_site.label_asym_id 
_atom_site.label_entity_id 
_atom_site.label_seq_id 
_atom_site.pdbx_PDB_ins_code 
_atom_site.Cartn_x 
_atom_site.Cartn_y 
_atom_site.Cartn_z 
_atom_site.occupancy 
_atom_site.B_iso_or_equiv 
_atom_site.pdbx_formal_charge 
_atom_site.auth_seq_id 
_atom_site.auth_comp_id 
_atom_site.auth_asym_id 
_atom_site.auth_atom_id 
_atom_site.pdbx_PDB_model_num 
ATOM   1   O "O5'" . DC  A 1 1  ? -10.701 18.222  -4.803  1.00 44.42 ? 1  DC  A "O5'" 1 
ATOM   2   C "C5'" . DC  A 1 1  ? -11.161 17.131  -3.987  1.00 44.40 ? 1  DC  A "C5'" 1 
ATOM   3   C "C4'" . DC  A 1 1  ? -11.883 16.107  -4.830  1.00 44.37 ? 1  DC  A "C4'" 1 
ATOM   4   O "O4'" . DC  A 1 1  ? -11.152 15.941  -6.060  1.00 44.43 ? 1  DC  A "O4'" 1 
ATOM   5   C "C3'" . DC  A 1 1  ? -11.986 14.710  -4.223  1.00 44.29 ? 1  DC  A "C3'" 1 
ATOM   6   O "O3'" . DC  A 1 1  ? -13.188 14.073  -4.687  1.00 44.09 ? 1  DC  A "O3'" 1 
ATOM   7   C "C2'" . DC  A 1 1  ? -10.759 14.014  -4.777  1.00 44.37 ? 1  DC  A "C2'" 1 
ATOM   8   C "C1'" . DC  A 1 1  ? -10.654 14.619  -6.161  1.00 44.44 ? 1  DC  A "C1'" 1 
ATOM   9   N N1    . DC  A 1 1  ? -9.287  14.721  -6.661  1.00 44.50 ? 1  DC  A N1    1 
ATOM   10  C C2    . DC  A 1 1  ? -8.978  14.145  -7.892  1.00 44.55 ? 1  DC  A C2    1 
ATOM   11  O O2    . DC  A 1 1  ? -9.871  13.534  -8.506  1.00 44.54 ? 1  DC  A O2    1 
ATOM   12  N N3    . DC  A 1 1  ? -7.722  14.268  -8.381  1.00 44.56 ? 1  DC  A N3    1 
ATOM   13  C C4    . DC  A 1 1  ? -6.799  14.928  -7.680  1.00 44.57 ? 1  DC  A C4    1 
ATOM   14  N N4    . DC  A 1 1  ? -5.576  15.038  -8.199  1.00 44.61 ? 1  DC  A N4    1 
ATOM   15  C C5    . DC  A 1 1  ? -7.090  15.512  -6.412  1.00 44.56 ? 1  DC  A C5    1 
ATOM   16  C C6    . DC  A 1 1  ? -8.333  15.384  -5.945  1.00 44.53 ? 1  DC  A C6    1 
ATOM   17  P P     . DG  A 1 2  ? -13.672 12.678  -4.030  1.00 43.91 ? 2  DG  A P     1 
ATOM   18  O OP1   . DG  A 1 2  ? -15.143 12.563  -4.246  1.00 43.91 ? 2  DG  A OP1   1 
ATOM   19  O OP2   . DG  A 1 2  ? -13.115 12.567  -2.651  1.00 43.94 ? 2  DG  A OP2   1 
ATOM   20  O "O5'" . DG  A 1 2  ? -12.979 11.565  -4.925  1.00 43.60 ? 2  DG  A "O5'" 1 
ATOM   21  C "C5'" . DG  A 1 2  ? -13.639 11.055  -6.073  1.00 43.10 ? 2  DG  A "C5'" 1 
ATOM   22  C "C4'" . DG  A 1 2  ? -12.850 9.899   -6.630  1.00 42.73 ? 2  DG  A "C4'" 1 
ATOM   23  O "O4'" . DG  A 1 2  ? -11.540 10.375  -7.018  1.00 42.59 ? 2  DG  A "O4'" 1 
ATOM   24  C "C3'" . DG  A 1 2  ? -12.585 8.798   -5.604  1.00 42.52 ? 2  DG  A "C3'" 1 
ATOM   25  O "O3'" . DG  A 1 2  ? -12.351 7.593   -6.323  1.00 42.34 ? 2  DG  A "O3'" 1 
ATOM   26  C "C2'" . DG  A 1 2  ? -11.248 9.210   -5.032  1.00 42.45 ? 2  DG  A "C2'" 1 
ATOM   27  C "C1'" . DG  A 1 2  ? -10.573 9.611   -6.321  1.00 42.39 ? 2  DG  A "C1'" 1 
ATOM   28  N N9    . DG  A 1 2  ? -9.364  10.401  -6.183  1.00 42.19 ? 2  DG  A N9    1 
ATOM   29  C C8    . DG  A 1 2  ? -9.030  11.252  -5.157  1.00 42.11 ? 2  DG  A C8    1 
ATOM   30  N N7    . DG  A 1 2  ? -7.839  11.765  -5.287  1.00 42.02 ? 2  DG  A N7    1 
ATOM   31  C C5    . DG  A 1 2  ? -7.366  11.228  -6.478  1.00 42.00 ? 2  DG  A C5    1 
ATOM   32  C C6    . DG  A 1 2  ? -6.131  11.406  -7.126  1.00 41.93 ? 2  DG  A C6    1 
ATOM   33  O O6    . DG  A 1 2  ? -5.165  12.082  -6.756  1.00 41.85 ? 2  DG  A O6    1 
ATOM   34  N N1    . DG  A 1 2  ? -6.075  10.691  -8.321  1.00 41.91 ? 2  DG  A N1    1 
ATOM   35  C C2    . DG  A 1 2  ? -7.081  9.902   -8.817  1.00 41.94 ? 2  DG  A C2    1 
ATOM   36  N N2    . DG  A 1 2  ? -6.845  9.309   -9.989  1.00 41.89 ? 2  DG  A N2    1 
ATOM   37  N N3    . DG  A 1 2  ? -8.231  9.712   -8.207  1.00 41.97 ? 2  DG  A N3    1 
ATOM   38  C C4    . DG  A 1 2  ? -8.305  10.403  -7.051  1.00 42.04 ? 2  DG  A C4    1 
ATOM   39  P P     . DC  A 1 3  ? -13.235 6.292   -6.030  1.00 42.23 ? 3  DC  A P     1 
ATOM   40  O OP1   . DC  A 1 3  ? -14.618 6.605   -6.498  1.00 42.17 ? 3  DC  A OP1   1 
ATOM   41  O OP2   . DC  A 1 3  ? -13.006 5.832   -4.633  1.00 42.22 ? 3  DC  A OP2   1 
ATOM   42  O "O5'" . DC  A 1 3  ? -12.592 5.230   -7.018  1.00 42.04 ? 3  DC  A "O5'" 1 
ATOM   43  C "C5'" . DC  A 1 3  ? -12.191 5.626   -8.321  1.00 41.78 ? 3  DC  A "C5'" 1 
ATOM   44  C "C4'" . DC  A 1 3  ? -10.759 5.227   -8.566  1.00 41.57 ? 3  DC  A "C4'" 1 
ATOM   45  O "O4'" . DC  A 1 3  ? -9.802  6.242   -8.158  1.00 41.46 ? 3  DC  A "O4'" 1 
ATOM   46  C "C3'" . DC  A 1 3  ? -10.367 3.955   -7.824  1.00 41.52 ? 3  DC  A "C3'" 1 
ATOM   47  O "O3'" . DC  A 1 3  ? -9.727  3.062   -8.710  1.00 41.52 ? 3  DC  A "O3'" 1 
ATOM   48  C "C2'" . DC  A 1 3  ? -9.353  4.434   -6.802  1.00 41.42 ? 3  DC  A "C2'" 1 
ATOM   49  C "C1'" . DC  A 1 3  ? -8.710  5.579   -7.553  1.00 41.30 ? 3  DC  A "C1'" 1 
ATOM   50  N N1    . DC  A 1 3  ? -7.973  6.537   -6.711  1.00 41.11 ? 3  DC  A N1    1 
ATOM   51  C C2    . DC  A 1 3  ? -6.680  6.927   -7.094  1.00 40.99 ? 3  DC  A C2    1 
ATOM   52  O O2    . DC  A 1 3  ? -6.210  6.502   -8.155  1.00 40.90 ? 3  DC  A O2    1 
ATOM   53  N N3    . DC  A 1 3  ? -5.979  7.762   -6.300  1.00 40.90 ? 3  DC  A N3    1 
ATOM   54  C C4    . DC  A 1 3  ? -6.519  8.220   -5.175  1.00 40.89 ? 3  DC  A C4    1 
ATOM   55  N N4    . DC  A 1 3  ? -5.785  9.046   -4.426  1.00 40.87 ? 3  DC  A N4    1 
ATOM   56  C C5    . DC  A 1 3  ? -7.836  7.858   -4.767  1.00 40.94 ? 3  DC  A C5    1 
ATOM   57  C C6    . DC  A 1 3  ? -8.523  7.024   -5.559  1.00 41.04 ? 3  DC  A C6    1 
ATOM   58  P P     . DG  A 1 4  ? -9.750  1.505   -8.380  1.00 41.55 ? 4  DG  A P     1 
ATOM   59  O OP1   . DG  A 1 4  ? -10.851 0.872   -9.155  1.00 41.51 ? 4  DG  A OP1   1 
ATOM   60  O OP2   . DG  A 1 4  ? -9.741  1.412   -6.900  1.00 41.53 ? 4  DG  A OP2   1 
ATOM   61  O "O5'" . DG  A 1 4  ? -8.357  1.005   -8.954  1.00 41.54 ? 4  DG  A "O5'" 1 
ATOM   62  C "C5'" . DG  A 1 4  ? -7.948  1.385   -10.260 1.00 41.58 ? 4  DG  A "C5'" 1 
ATOM   63  C "C4'" . DG  A 1 4  ? -6.445  1.310   -10.369 1.00 41.61 ? 4  DG  A "C4'" 1 
ATOM   64  O "O4'" . DG  A 1 4  ? -5.841  2.371   -9.597  1.00 41.55 ? 4  DG  A "O4'" 1 
ATOM   65  C "C3'" . DG  A 1 4  ? -5.861  0.012   -9.825  1.00 41.67 ? 4  DG  A "C3'" 1 
ATOM   66  O "O3'" . DG  A 1 4  ? -4.734  -0.336  -10.613 1.00 41.87 ? 4  DG  A "O3'" 1 
ATOM   67  C "C2'" . DG  A 1 4  ? -5.423  0.391   -8.426  1.00 41.61 ? 4  DG  A "C2'" 1 
ATOM   68  C "C1'" . DG  A 1 4  ? -4.964  1.820   -8.631  1.00 41.49 ? 4  DG  A "C1'" 1 
ATOM   69  N N9    . DG  A 1 4  ? -5.041  2.654   -7.441  1.00 41.33 ? 4  DG  A N9    1 
ATOM   70  C C8    . DG  A 1 4  ? -6.018  2.639   -6.479  1.00 41.30 ? 4  DG  A C8    1 
ATOM   71  N N7    . DG  A 1 4  ? -5.815  3.512   -5.531  1.00 41.26 ? 4  DG  A N7    1 
ATOM   72  C C5    . DG  A 1 4  ? -4.633  4.141   -5.892  1.00 41.23 ? 4  DG  A C5    1 
ATOM   73  C C6    . DG  A 1 4  ? -3.919  5.179   -5.253  1.00 41.20 ? 4  DG  A C6    1 
ATOM   74  O O6    . DG  A 1 4  ? -4.201  5.776   -4.214  1.00 41.18 ? 4  DG  A O6    1 
ATOM   75  N N1    . DG  A 1 4  ? -2.764  5.509   -5.953  1.00 41.18 ? 4  DG  A N1    1 
ATOM   76  C C2    . DG  A 1 4  ? -2.351  4.919   -7.121  1.00 41.18 ? 4  DG  A C2    1 
ATOM   77  N N2    . DG  A 1 4  ? -1.195  5.360   -7.631  1.00 41.19 ? 4  DG  A N2    1 
ATOM   78  N N3    . DG  A 1 4  ? -3.020  3.960   -7.738  1.00 41.20 ? 4  DG  A N3    1 
ATOM   79  C C4    . DG  A 1 4  ? -4.142  3.621   -7.068  1.00 41.27 ? 4  DG  A C4    1 
ATOM   80  P P     . DA  A 1 5  ? -4.055  -1.776  -10.437 1.00 41.98 ? 5  DA  A P     1 
ATOM   81  O OP1   . DA  A 1 5  ? -4.325  -2.579  -11.659 1.00 41.99 ? 5  DA  A OP1   1 
ATOM   82  O OP2   . DA  A 1 5  ? -4.434  -2.305  -9.101  1.00 42.04 ? 5  DA  A OP2   1 
ATOM   83  O "O5'" . DA  A 1 5  ? -2.511  -1.415  -10.399 1.00 41.94 ? 5  DA  A "O5'" 1 
ATOM   84  C "C5'" . DA  A 1 5  ? -2.032  -0.262  -11.077 1.00 41.82 ? 5  DA  A "C5'" 1 
ATOM   85  C "C4'" . DA  A 1 5  ? -0.771  0.239   -10.416 1.00 41.70 ? 5  DA  A "C4'" 1 
ATOM   86  O "O4'" . DA  A 1 5  ? -1.069  1.068   -9.269  1.00 41.69 ? 5  DA  A "O4'" 1 
ATOM   87  C "C3'" . DA  A 1 5  ? 0.139   -0.875  -9.913  1.00 41.61 ? 5  DA  A "C3'" 1 
ATOM   88  O "O3'" . DA  A 1 5  ? 1.484   -0.566  -10.251 1.00 41.49 ? 5  DA  A "O3'" 1 
ATOM   89  C "C2'" . DA  A 1 5  ? -0.076  -0.864  -8.409  1.00 41.59 ? 5  DA  A "C2'" 1 
ATOM   90  C "C1'" . DA  A 1 5  ? -0.368  0.597   -8.129  1.00 41.58 ? 5  DA  A "C1'" 1 
ATOM   91  N N9    . DA  A 1 5  ? -1.217  0.843   -6.966  1.00 41.50 ? 5  DA  A N9    1 
ATOM   92  C C8    . DA  A 1 5  ? -2.422  0.265   -6.669  1.00 41.41 ? 5  DA  A C8    1 
ATOM   93  N N7    . DA  A 1 5  ? -2.978  0.734   -5.577  1.00 41.41 ? 5  DA  A N7    1 
ATOM   94  C C5    . DA  A 1 5  ? -2.070  1.674   -5.116  1.00 41.43 ? 5  DA  A C5    1 
ATOM   95  C C6    . DA  A 1 5  ? -2.076  2.527   -3.999  1.00 41.45 ? 5  DA  A C6    1 
ATOM   96  N N6    . DA  A 1 5  ? -3.064  2.580   -3.106  1.00 41.50 ? 5  DA  A N6    1 
ATOM   97  N N1    . DA  A 1 5  ? -1.016  3.339   -3.830  1.00 41.47 ? 5  DA  A N1    1 
ATOM   98  C C2    . DA  A 1 5  ? -0.026  3.297   -4.725  1.00 41.44 ? 5  DA  A C2    1 
ATOM   99  N N3    . DA  A 1 5  ? 0.094   2.544   -5.815  1.00 41.43 ? 5  DA  A N3    1 
ATOM   100 C C4    . DA  A 1 5  ? -0.975  1.744   -5.955  1.00 41.44 ? 5  DA  A C4    1 
ATOM   101 P P     . DA  A 1 6  ? 2.663   -1.512  -9.730  1.00 41.41 ? 6  DA  A P     1 
ATOM   102 O OP1   . DA  A 1 6  ? 3.722   -1.500  -10.776 1.00 41.41 ? 6  DA  A OP1   1 
ATOM   103 O OP2   . DA  A 1 6  ? 2.085   -2.806  -9.274  1.00 41.39 ? 6  DA  A OP2   1 
ATOM   104 O "O5'" . DA  A 1 6  ? 3.198   -0.703  -8.477  1.00 41.28 ? 6  DA  A "O5'" 1 
ATOM   105 C "C5'" . DA  A 1 6  ? 3.669   0.620   -8.652  1.00 41.04 ? 6  DA  A "C5'" 1 
ATOM   106 C "C4'" . DA  A 1 6  ? 4.538   1.007   -7.485  1.00 40.87 ? 6  DA  A "C4'" 1 
ATOM   107 O "O4'" . DA  A 1 6  ? 3.704   1.289   -6.341  1.00 40.73 ? 6  DA  A "O4'" 1 
ATOM   108 C "C3'" . DA  A 1 6  ? 5.516   -0.077  -7.048  1.00 40.84 ? 6  DA  A "C3'" 1 
ATOM   109 O "O3'" . DA  A 1 6  ? 6.757   0.551   -6.708  1.00 40.94 ? 6  DA  A "O3'" 1 
ATOM   110 C "C2'" . DA  A 1 6  ? 4.802   -0.749  -5.883  1.00 40.67 ? 6  DA  A "C2'" 1 
ATOM   111 C "C1'" . DA  A 1 6  ? 3.943   0.365   -5.296  1.00 40.50 ? 6  DA  A "C1'" 1 
ATOM   112 N N9    . DA  A 1 6  ? 2.633   -0.035  -4.779  1.00 40.18 ? 6  DA  A N9    1 
ATOM   113 C C8    . DA  A 1 6  ? 1.769   -0.990  -5.254  1.00 40.05 ? 6  DA  A C8    1 
ATOM   114 N N7    . DA  A 1 6  ? 0.654   -1.076  -4.575  1.00 39.92 ? 6  DA  A N7    1 
ATOM   115 C C5    . DA  A 1 6  ? 0.794   -0.117  -3.579  1.00 39.84 ? 6  DA  A C5    1 
ATOM   116 C C6    . DA  A 1 6  ? -0.044  0.292   -2.527  1.00 39.72 ? 6  DA  A C6    1 
ATOM   117 N N6    . DA  A 1 6  ? -1.251  -0.220  -2.292  1.00 39.62 ? 6  DA  A N6    1 
ATOM   118 N N1    . DA  A 1 6  ? 0.405   1.268   -1.710  1.00 39.69 ? 6  DA  A N1    1 
ATOM   119 C C2    . DA  A 1 6  ? 1.604   1.796   -1.945  1.00 39.76 ? 6  DA  A C2    1 
ATOM   120 N N3    . DA  A 1 6  ? 2.479   1.504   -2.901  1.00 39.86 ? 6  DA  A N3    1 
ATOM   121 C C4    . DA  A 1 6  ? 2.009   0.526   -3.693  1.00 39.95 ? 6  DA  A C4    1 
ATOM   122 P P     . DT  A 1 7  ? 7.871   -0.250  -5.889  1.00 41.03 ? 7  DT  A P     1 
ATOM   123 O OP1   . DT  A 1 7  ? 9.183   0.318   -6.278  1.00 41.03 ? 7  DT  A OP1   1 
ATOM   124 O OP2   . DT  A 1 7  ? 7.628   -1.711  -6.025  1.00 40.99 ? 7  DT  A OP2   1 
ATOM   125 O "O5'" . DT  A 1 7  ? 7.552   0.216   -4.406  1.00 41.09 ? 7  DT  A "O5'" 1 
ATOM   126 C "C5'" . DT  A 1 7  ? 7.152   1.561   -4.168  1.00 41.23 ? 7  DT  A "C5'" 1 
ATOM   127 C "C4'" . DT  A 1 7  ? 6.990   1.801   -2.689  1.00 41.32 ? 7  DT  A "C4'" 1 
ATOM   128 O "O4'" . DT  A 1 7  ? 5.670   1.410   -2.251  1.00 41.25 ? 7  DT  A "O4'" 1 
ATOM   129 C "C3'" . DT  A 1 7  ? 7.982   1.016   -1.837  1.00 41.46 ? 7  DT  A "C3'" 1 
ATOM   130 O "O3'" . DT  A 1 7  ? 8.525   1.849   -0.817  1.00 41.79 ? 7  DT  A "O3'" 1 
ATOM   131 C "C2'" . DT  A 1 7  ? 7.142   -0.103  -1.247  1.00 41.30 ? 7  DT  A "C2'" 1 
ATOM   132 C "C1'" . DT  A 1 7  ? 5.772   0.537   -1.141  1.00 41.13 ? 7  DT  A "C1'" 1 
ATOM   133 N N1    . DT  A 1 7  ? 4.640   -0.400  -1.208  1.00 40.92 ? 7  DT  A N1    1 
ATOM   134 C C2    . DT  A 1 7  ? 3.668   -0.287  -0.252  1.00 40.85 ? 7  DT  A C2    1 
ATOM   135 O O2    . DT  A 1 7  ? 3.725   0.521   0.651   1.00 40.82 ? 7  DT  A O2    1 
ATOM   136 N N3    . DT  A 1 7  ? 2.623   -1.158  -0.390  1.00 40.76 ? 7  DT  A N3    1 
ATOM   137 C C4    . DT  A 1 7  ? 2.466   -2.115  -1.365  1.00 40.70 ? 7  DT  A C4    1 
ATOM   138 O O4    . DT  A 1 7  ? 1.461   -2.805  -1.376  1.00 40.60 ? 7  DT  A O4    1 
ATOM   139 C C5    . DT  A 1 7  ? 3.540   -2.202  -2.324  1.00 40.70 ? 7  DT  A C5    1 
ATOM   140 C C7    . DT  A 1 7  ? 3.472   -3.239  -3.398  1.00 40.64 ? 7  DT  A C7    1 
ATOM   141 C C6    . DT  A 1 7  ? 4.559   -1.349  -2.202  1.00 40.79 ? 7  DT  A C6    1 
ATOM   142 P P     . DT  A 1 8  ? 9.696   1.288   0.117   1.00 42.04 ? 8  DT  A P     1 
ATOM   143 O OP1   . DT  A 1 8  ? 10.670  2.382   0.361   1.00 42.00 ? 8  DT  A OP1   1 
ATOM   144 O OP2   . DT  A 1 8  ? 10.158  -0.002  -0.450  1.00 41.99 ? 8  DT  A OP2   1 
ATOM   145 O "O5'" . DT  A 1 8  ? 8.916   1.006   1.464   1.00 42.28 ? 8  DT  A "O5'" 1 
ATOM   146 C "C5'" . DT  A 1 8  ? 8.061   2.005   1.983   1.00 42.73 ? 8  DT  A "C5'" 1 
ATOM   147 C "C4'" . DT  A 1 8  ? 7.305   1.472   3.171   1.00 43.05 ? 8  DT  A "C4'" 1 
ATOM   148 O "O4'" . DT  A 1 8  ? 6.237   0.597   2.748   1.00 43.03 ? 8  DT  A "O4'" 1 
ATOM   149 C "C3'" . DT  A 1 8  ? 8.154   0.667   4.144   1.00 43.31 ? 8  DT  A "C3'" 1 
ATOM   150 O "O3'" . DT  A 1 8  ? 7.767   1.027   5.459   1.00 43.81 ? 8  DT  A "O3'" 1 
ATOM   151 C "C2'" . DT  A 1 8  ? 7.759   -0.771  3.854   1.00 43.18 ? 8  DT  A "C2'" 1 
ATOM   152 C "C1'" . DT  A 1 8  ? 6.299   -0.596  3.503   1.00 43.02 ? 8  DT  A "C1'" 1 
ATOM   153 N N1    . DT  A 1 8  ? 5.675   -1.666  2.710   1.00 42.92 ? 8  DT  A N1    1 
ATOM   154 C C2    . DT  A 1 8  ? 4.440   -2.082  3.122   1.00 42.85 ? 8  DT  A C2    1 
ATOM   155 O O2    . DT  A 1 8  ? 3.888   -1.614  4.098   1.00 42.81 ? 8  DT  A O2    1 
ATOM   156 N N3    . DT  A 1 8  ? 3.876   -3.063  2.354   1.00 42.80 ? 8  DT  A N3    1 
ATOM   157 C C4    . DT  A 1 8  ? 4.426   -3.666  1.243   1.00 42.79 ? 8  DT  A C4    1 
ATOM   158 O O4    . DT  A 1 8  ? 3.801   -4.542  0.649   1.00 42.76 ? 8  DT  A O4    1 
ATOM   159 C C5    . DT  A 1 8  ? 5.737   -3.188  0.871   1.00 42.78 ? 8  DT  A C5    1 
ATOM   160 C C7    . DT  A 1 8  ? 6.418   -3.795  -0.312  1.00 42.74 ? 8  DT  A C7    1 
ATOM   161 C C6    . DT  A 1 8  ? 6.290   -2.220  1.612   1.00 42.83 ? 8  DT  A C6    1 
HETATM 162 P P     . B7C A 1 9  ? 8.680   0.600   6.695   1.00 44.17 ? 9  B7C A P     1 
HETATM 163 O OP1   . B7C A 1 9  ? 9.293   1.835   7.253   1.00 44.20 ? 9  B7C A OP1   1 
HETATM 164 O OP2   . B7C A 1 9  ? 9.540   -0.537  6.282   1.00 44.20 ? 9  B7C A OP2   1 
HETATM 165 O "O5'" . B7C A 1 9  ? 7.591   0.071   7.712   1.00 44.46 ? 9  B7C A "O5'" 1 
HETATM 166 N N1    . B7C A 1 9  ? 5.113   -3.494  6.689   1.00 45.12 ? 9  B7C A N1    1 
HETATM 167 C C6    . B7C A 1 9  ? 6.277   -3.558  5.974   1.00 45.06 ? 9  B7C A C6    1 
HETATM 168 C C2    . B7C A 1 9  ? 4.027   -4.308  6.348   1.00 45.09 ? 9  B7C A C2    1 
HETATM 169 O O2    . B7C A 1 9  ? 2.998   -4.251  7.043   1.00 45.08 ? 9  B7C A O2    1 
HETATM 170 N N3    . B7C A 1 9  ? 4.126   -5.134  5.276   1.00 45.06 ? 9  B7C A N3    1 
HETATM 171 C C4    . B7C A 1 9  ? 5.258   -5.170  4.570   1.00 45.02 ? 9  B7C A C4    1 
HETATM 172 N N4    . B7C A 1 9  ? 5.314   -5.968  3.487   1.00 45.00 ? 9  B7C A N4    1 
HETATM 173 C C5    . B7C A 1 9  ? 6.390   -4.372  4.919   1.00 45.02 ? 9  B7C A C5    1 
HETATM 174 C C7    . B7C A 1 9  ? 7.558   -4.383  4.059   1.00 44.96 ? 9  B7C A C7    1 
HETATM 175 C C8    . B7C A 1 9  ? 7.659   -5.365  3.164   1.00 44.95 ? 9  B7C A C8    1 
HETATM 176 C C9    . B7C A 1 9  ? 6.668   -6.500  3.249   1.00 44.96 ? 9  B7C A C9    1 
HETATM 177 C "C2'" . B7C A 1 9  ? 6.096   -2.499  8.809   1.00 45.26 ? 9  B7C A "C2'" 1 
HETATM 178 C "C5'" . B7C A 1 9  ? 6.305   0.669   7.739   1.00 44.85 ? 9  B7C A "C5'" 1 
HETATM 179 C "C4'" . B7C A 1 9  ? 5.303   -0.308  8.294   1.00 45.12 ? 9  B7C A "C4'" 1 
HETATM 180 O "O4'" . B7C A 1 9  ? 4.878   -1.246  7.282   1.00 45.16 ? 9  B7C A "O4'" 1 
HETATM 181 C "C1'" . B7C A 1 9  ? 4.960   -2.558  7.813   1.00 45.17 ? 9  B7C A "C1'" 1 
HETATM 182 C "C3'" . B7C A 1 9  ? 5.844   -1.145  9.447   1.00 45.31 ? 9  B7C A "C3'" 1 
HETATM 183 O "O3'" . B7C A 1 9  ? 4.836   -1.254  10.437  1.00 45.61 ? 9  B7C A "O3'" 1 
ATOM   184 P P     . DG  A 1 10 ? 5.247   -1.230  11.984  1.00 45.83 ? 10 DG  A P     1 
ATOM   185 O OP1   . DG  A 1 10 ? 4.941   0.134   12.504  1.00 45.83 ? 10 DG  A OP1   1 
ATOM   186 O OP2   . DG  A 1 10 ? 6.624   -1.788  12.116  1.00 45.81 ? 10 DG  A OP2   1 
ATOM   187 O "O5'" . DG  A 1 10 ? 4.236   -2.269  12.637  1.00 45.98 ? 10 DG  A "O5'" 1 
ATOM   188 C "C5'" . DG  A 1 10 ? 2.935   -2.473  12.085  1.00 46.24 ? 10 DG  A "C5'" 1 
ATOM   189 C "C4'" . DG  A 1 10 ? 2.630   -3.951  12.029  1.00 46.41 ? 10 DG  A "C4'" 1 
ATOM   190 O "O4'" . DG  A 1 10 ? 3.011   -4.536  10.758  1.00 46.36 ? 10 DG  A "O4'" 1 
ATOM   191 C "C3'" . DG  A 1 10 ? 3.362   -4.763  13.101  1.00 46.58 ? 10 DG  A "C3'" 1 
ATOM   192 O "O3'" . DG  A 1 10 ? 2.502   -5.786  13.583  1.00 46.94 ? 10 DG  A "O3'" 1 
ATOM   193 C "C2'" . DG  A 1 10 ? 4.472   -5.429  12.316  1.00 46.46 ? 10 DG  A "C2'" 1 
ATOM   194 C "C1'" . DG  A 1 10 ? 3.722   -5.724  11.040  1.00 46.31 ? 10 DG  A "C1'" 1 
ATOM   195 N N9    . DG  A 1 10 ? 4.531   -6.082  9.883   1.00 46.17 ? 10 DG  A N9    1 
ATOM   196 C C8    . DG  A 1 10 ? 5.789   -5.638  9.567   1.00 46.08 ? 10 DG  A C8    1 
ATOM   197 N N7    . DG  A 1 10 ? 6.260   -6.174  8.472   1.00 46.01 ? 10 DG  A N7    1 
ATOM   198 C C5    . DG  A 1 10 ? 5.247   -7.015  8.041   1.00 46.01 ? 10 DG  A C5    1 
ATOM   199 C C6    . DG  A 1 10 ? 5.178   -7.861  6.912   1.00 45.96 ? 10 DG  A C6    1 
ATOM   200 O O6    . DG  A 1 10 ? 6.027   -8.044  6.037   1.00 45.95 ? 10 DG  A O6    1 
ATOM   201 N N1    . DG  A 1 10 ? 3.964   -8.539  6.856   1.00 45.91 ? 10 DG  A N1    1 
ATOM   202 C C2    . DG  A 1 10 ? 2.950   -8.414  7.774   1.00 45.91 ? 10 DG  A C2    1 
ATOM   203 N N2    . DG  A 1 10 ? 1.862   -9.148  7.560   1.00 45.85 ? 10 DG  A N2    1 
ATOM   204 N N3    . DG  A 1 10 ? 3.002   -7.626  8.828   1.00 45.96 ? 10 DG  A N3    1 
ATOM   205 C C4    . DG  A 1 10 ? 4.171   -6.963  8.900   1.00 46.00 ? 10 DG  A C4    1 
ATOM   206 P P     . DC  A 1 11 ? 2.267   -5.948  15.156  1.00 47.19 ? 11 DC  A P     1 
ATOM   207 O OP1   . DC  A 1 11 ? 1.993   -4.604  15.730  1.00 47.18 ? 11 DC  A OP1   1 
ATOM   208 O OP2   . DC  A 1 11 ? 3.384   -6.772  15.694  1.00 47.18 ? 11 DC  A OP2   1 
ATOM   209 O "O5'" . DC  A 1 11 ? 0.914   -6.775  15.206  1.00 47.41 ? 11 DC  A "O5'" 1 
ATOM   210 C "C5'" . DC  A 1 11 ? -0.187  -6.389  14.389  1.00 47.76 ? 11 DC  A "C5'" 1 
ATOM   211 C "C4'" . DC  A 1 11 ? -0.652  -7.558  13.551  1.00 48.03 ? 11 DC  A "C4'" 1 
ATOM   212 O "O4'" . DC  A 1 11 ? 0.316   -7.869  12.524  1.00 48.07 ? 11 DC  A "O4'" 1 
ATOM   213 C "C3'" . DC  A 1 11 ? -0.892  -8.861  14.313  1.00 48.19 ? 11 DC  A "C3'" 1 
ATOM   214 O "O3'" . DC  A 1 11 ? -2.097  -9.449  13.823  1.00 48.45 ? 11 DC  A "O3'" 1 
ATOM   215 C "C2'" . DC  A 1 11 ? 0.322   -9.710  13.966  1.00 48.14 ? 11 DC  A "C2'" 1 
ATOM   216 C "C1'" . DC  A 1 11 ? 0.627   -9.255  12.553  1.00 48.07 ? 11 DC  A "C1'" 1 
ATOM   217 N N1    . DC  A 1 11 ? 2.023   -9.396  12.130  1.00 47.99 ? 11 DC  A N1    1 
ATOM   218 C C2    . DC  A 1 11 ? 2.332   -10.296 11.110  1.00 47.96 ? 11 DC  A C2    1 
ATOM   219 O O2    . DC  A 1 11 ? 1.430   -10.997 10.635  1.00 47.96 ? 11 DC  A O2    1 
ATOM   220 N N3    . DC  A 1 11 ? 3.605   -10.378 10.668  1.00 47.91 ? 11 DC  A N3    1 
ATOM   221 C C4    . DC  A 1 11 ? 4.550   -9.614  11.214  1.00 47.89 ? 11 DC  A C4    1 
ATOM   222 N N4    . DC  A 1 11 ? 5.785   -9.701  10.729  1.00 47.85 ? 11 DC  A N4    1 
ATOM   223 C C5    . DC  A 1 11 ? 4.267   -8.716  12.282  1.00 47.90 ? 11 DC  A C5    1 
ATOM   224 C C6    . DC  A 1 11 ? 3.002   -8.641  12.706  1.00 47.95 ? 11 DC  A C6    1 
ATOM   225 P P     . DG  A 1 12 ? -2.597  -10.858 14.402  1.00 48.62 ? 12 DG  A P     1 
ATOM   226 O OP1   . DG  A 1 12 ? -4.087  -10.831 14.357  1.00 48.64 ? 12 DG  A OP1   1 
ATOM   227 O OP2   . DG  A 1 12 ? -1.898  -11.164 15.687  1.00 48.61 ? 12 DG  A OP2   1 
ATOM   228 O "O5'" . DG  A 1 12 ? -2.065  -11.884 13.310  1.00 48.69 ? 12 DG  A "O5'" 1 
ATOM   229 C "C5'" . DG  A 1 12 ? -2.894  -12.283 12.226  1.00 48.85 ? 12 DG  A "C5'" 1 
ATOM   230 C "C4'" . DG  A 1 12 ? -2.795  -13.778 12.042  1.00 48.93 ? 12 DG  A "C4'" 1 
ATOM   231 O "O4'" . DG  A 1 12 ? -1.436  -14.087 11.649  1.00 48.98 ? 12 DG  A "O4'" 1 
ATOM   232 C "C3'" . DG  A 1 12 ? -3.040  -14.555 13.336  1.00 48.96 ? 12 DG  A "C3'" 1 
ATOM   233 O "O3'" . DG  A 1 12 ? -3.526  -15.879 13.064  1.00 48.94 ? 12 DG  A "O3'" 1 
ATOM   234 C "C2'" . DG  A 1 12 ? -1.650  -14.640 13.944  1.00 48.99 ? 12 DG  A "C2'" 1 
ATOM   235 C "C1'" . DG  A 1 12 ? -0.743  -14.725 12.716  1.00 49.04 ? 12 DG  A "C1'" 1 
ATOM   236 N N9    . DG  A 1 12 ? 0.539   -14.047 12.878  1.00 49.10 ? 12 DG  A N9    1 
ATOM   237 C C8    . DG  A 1 12 ? 0.859   -13.107 13.828  1.00 49.13 ? 12 DG  A C8    1 
ATOM   238 N N7    . DG  A 1 12 ? 2.092   -12.692 13.743  1.00 49.13 ? 12 DG  A N7    1 
ATOM   239 C C5    . DG  A 1 12 ? 2.620   -13.399 12.669  1.00 49.11 ? 12 DG  A C5    1 
ATOM   240 C C6    . DG  A 1 12 ? 3.916   -13.375 12.109  1.00 49.08 ? 12 DG  A C6    1 
ATOM   241 O O6    . DG  A 1 12 ? 4.894   -12.725 12.476  1.00 49.02 ? 12 DG  A O6    1 
ATOM   242 N N1    . DG  A 1 12 ? 4.023   -14.226 11.016  1.00 49.08 ? 12 DG  A N1    1 
ATOM   243 C C2    . DG  A 1 12 ? 3.015   -15.012 10.524  1.00 49.12 ? 12 DG  A C2    1 
ATOM   244 N N2    . DG  A 1 12 ? 3.324   -15.751 9.445   1.00 49.15 ? 12 DG  A N2    1 
ATOM   245 N N3    . DG  A 1 12 ? 1.798   -15.062 11.050  1.00 49.12 ? 12 DG  A N3    1 
ATOM   246 C C4    . DG  A 1 12 ? 1.672   -14.231 12.114  1.00 49.10 ? 12 DG  A C4    1 
ATOM   247 O "O5'" . DC  B 1 1  ? 12.982  -16.064 6.371   1.00 40.74 ? 13 DC  B "O5'" 1 
ATOM   248 C "C5'" . DC  B 1 1  ? 11.807  -16.090 7.202   1.00 40.67 ? 13 DC  B "C5'" 1 
ATOM   249 C "C4'" . DC  B 1 1  ? 10.610  -16.729 6.534   1.00 40.62 ? 13 DC  B "C4'" 1 
ATOM   250 O "O4'" . DC  B 1 1  ? 9.479   -16.650 7.424   1.00 40.60 ? 13 DC  B "O4'" 1 
ATOM   251 C "C3'" . DC  B 1 1  ? 10.159  -16.065 5.238   1.00 40.55 ? 13 DC  B "C3'" 1 
ATOM   252 O "O3'" . DC  B 1 1  ? 9.601   -17.053 4.369   1.00 40.45 ? 13 DC  B "O3'" 1 
ATOM   253 C "C2'" . DC  B 1 1  ? 9.100   -15.083 5.699   1.00 40.57 ? 13 DC  B "C2'" 1 
ATOM   254 C "C1'" . DC  B 1 1  ? 8.490   -15.770 6.906   1.00 40.54 ? 13 DC  B "C1'" 1 
ATOM   255 N N1    . DC  B 1 1  ? 8.172   -14.838 7.977   1.00 40.48 ? 13 DC  B N1    1 
ATOM   256 C C2    . DC  B 1 1  ? 6.900   -14.849 8.530   1.00 40.45 ? 13 DC  B C2    1 
ATOM   257 O O2    . DC  B 1 1  ? 6.049   -15.618 8.060   1.00 40.43 ? 13 DC  B O2    1 
ATOM   258 N N3    . DC  B 1 1  ? 6.625   -14.025 9.564   1.00 40.40 ? 13 DC  B N3    1 
ATOM   259 C C4    . DC  B 1 1  ? 7.575   -13.213 10.038  1.00 40.41 ? 13 DC  B C4    1 
ATOM   260 N N4    . DC  B 1 1  ? 7.277   -12.438 11.081  1.00 40.41 ? 13 DC  B N4    1 
ATOM   261 C C5    . DC  B 1 1  ? 8.877   -13.164 9.467   1.00 40.44 ? 13 DC  B C5    1 
ATOM   262 C C6    . DC  B 1 1  ? 9.128   -13.982 8.446   1.00 40.46 ? 13 DC  B C6    1 
ATOM   263 P P     . DG  B 1 2  ? 8.917   -16.608 2.985   1.00 40.34 ? 14 DG  B P     1 
ATOM   264 O OP1   . DG  B 1 2  ? 8.993   -17.752 2.028   1.00 40.37 ? 14 DG  B OP1   1 
ATOM   265 O OP2   . DG  B 1 2  ? 9.458   -15.272 2.596   1.00 40.35 ? 14 DG  B OP2   1 
ATOM   266 O "O5'" . DG  B 1 2  ? 7.396   -16.370 3.379   1.00 40.12 ? 14 DG  B "O5'" 1 
ATOM   267 C "C5'" . DG  B 1 2  ? 6.544   -17.460 3.679   1.00 39.75 ? 14 DG  B "C5'" 1 
ATOM   268 C "C4'" . DG  B 1 2  ? 5.106   -17.003 3.647   1.00 39.49 ? 14 DG  B "C4'" 1 
ATOM   269 O "O4'" . DG  B 1 2  ? 4.884   -16.039 4.702   1.00 39.33 ? 14 DG  B "O4'" 1 
ATOM   270 C "C3'" . DG  B 1 2  ? 4.695   -16.305 2.355   1.00 39.38 ? 14 DG  B "C3'" 1 
ATOM   271 O "O3'" . DG  B 1 2  ? 3.361   -16.696 2.048   1.00 39.32 ? 14 DG  B "O3'" 1 
ATOM   272 C "C2'" . DG  B 1 2  ? 4.785   -14.825 2.694   1.00 39.25 ? 14 DG  B "C2'" 1 
ATOM   273 C "C1'" . DG  B 1 2  ? 4.444   -14.793 4.173   1.00 39.12 ? 14 DG  B "C1'" 1 
ATOM   274 N N9    . DG  B 1 2  ? 5.117   -13.750 4.938   1.00 38.84 ? 14 DG  B N9    1 
ATOM   275 C C8    . DG  B 1 2  ? 6.385   -13.268 4.740   1.00 38.74 ? 14 DG  B C8    1 
ATOM   276 N N7    . DG  B 1 2  ? 6.743   -12.388 5.634   1.00 38.64 ? 14 DG  B N7    1 
ATOM   277 C C5    . DG  B 1 2  ? 5.634   -12.269 6.461   1.00 38.57 ? 14 DG  B C5    1 
ATOM   278 C C6    . DG  B 1 2  ? 5.431   -11.471 7.607   1.00 38.50 ? 14 DG  B C6    1 
ATOM   279 O O6    . DG  B 1 2  ? 6.212   -10.687 8.145   1.00 38.44 ? 14 DG  B O6    1 
ATOM   280 N N1    . DG  B 1 2  ? 4.164   -11.655 8.138   1.00 38.45 ? 14 DG  B N1    1 
ATOM   281 C C2    . DG  B 1 2  ? 3.216   -12.500 7.635   1.00 38.47 ? 14 DG  B C2    1 
ATOM   282 N N2    . DG  B 1 2  ? 2.053   -12.539 8.293   1.00 38.43 ? 14 DG  B N2    1 
ATOM   283 N N3    . DG  B 1 2  ? 3.394   -13.254 6.569   1.00 38.54 ? 14 DG  B N3    1 
ATOM   284 C C4    . DG  B 1 2  ? 4.618   -13.089 6.036   1.00 38.66 ? 14 DG  B C4    1 
ATOM   285 P P     . DC  B 1 3  ? 2.659   -16.145 0.727   1.00 39.27 ? 15 DC  B P     1 
ATOM   286 O OP1   . DC  B 1 3  ? 2.100   -17.303 -0.021  1.00 39.27 ? 15 DC  B OP1   1 
ATOM   287 O OP2   . DC  B 1 3  ? 3.614   -15.229 0.063   1.00 39.33 ? 15 DC  B OP2   1 
ATOM   288 O "O5'" . DC  B 1 3  ? 1.465   -15.299 1.330   1.00 39.12 ? 15 DC  B "O5'" 1 
ATOM   289 C "C5'" . DC  B 1 3  ? 0.766   -15.761 2.475   1.00 38.86 ? 15 DC  B "C5'" 1 
ATOM   290 C "C4'" . DC  B 1 3  ? -0.010  -14.624 3.085   1.00 38.67 ? 15 DC  B "C4'" 1 
ATOM   291 O "O4'" . DC  B 1 3  ? 0.892   -13.744 3.802   1.00 38.54 ? 15 DC  B "O4'" 1 
ATOM   292 C "C3'" . DC  B 1 3  ? -0.675  -13.764 2.016   1.00 38.64 ? 15 DC  B "C3'" 1 
ATOM   293 O "O3'" . DC  B 1 3  ? -1.985  -13.394 2.396   1.00 38.71 ? 15 DC  B "O3'" 1 
ATOM   294 C "C2'" . DC  B 1 3  ? 0.202   -12.528 1.944   1.00 38.52 ? 15 DC  B "C2'" 1 
ATOM   295 C "C1'" . DC  B 1 3  ? 0.704   -12.410 3.364   1.00 38.39 ? 15 DC  B "C1'" 1 
ATOM   296 N N1    . DC  B 1 3  ? 1.988   -11.710 3.474   1.00 38.21 ? 15 DC  B N1    1 
ATOM   297 C C2    . DC  B 1 3  ? 2.183   -10.836 4.531   1.00 38.11 ? 15 DC  B C2    1 
ATOM   298 O O2    . DC  B 1 3  ? 1.281   -10.690 5.351   1.00 38.15 ? 15 DC  B O2    1 
ATOM   299 N N3    . DC  B 1 3  ? 3.345   -10.175 4.639   1.00 38.00 ? 15 DC  B N3    1 
ATOM   300 C C4    . DC  B 1 3  ? 4.297   -10.360 3.736   1.00 37.98 ? 15 DC  B C4    1 
ATOM   301 N N4    . DC  B 1 3  ? 5.430   -9.683  3.888   1.00 37.90 ? 15 DC  B N4    1 
ATOM   302 C C5    . DC  B 1 3  ? 4.133   -11.253 2.641   1.00 38.05 ? 15 DC  B C5    1 
ATOM   303 C C6    . DC  B 1 3  ? 2.973   -11.903 2.549   1.00 38.15 ? 15 DC  B C6    1 
ATOM   304 P P     . DG  B 1 4  ? -2.957  -12.743 1.304   1.00 38.74 ? 16 DG  B P     1 
ATOM   305 O OP1   . DG  B 1 4  ? -3.923  -13.789 0.898   1.00 38.74 ? 16 DG  B OP1   1 
ATOM   306 O OP2   . DG  B 1 4  ? -2.138  -12.068 0.272   1.00 38.77 ? 16 DG  B OP2   1 
ATOM   307 O "O5'" . DG  B 1 4  ? -3.731  -11.670 2.170   1.00 38.69 ? 16 DG  B "O5'" 1 
ATOM   308 C "C5'" . DG  B 1 4  ? -4.086  -11.990 3.501   1.00 38.58 ? 16 DG  B "C5'" 1 
ATOM   309 C "C4'" . DG  B 1 4  ? -4.204  -10.734 4.321   1.00 38.51 ? 16 DG  B "C4'" 1 
ATOM   310 O "O4'" . DG  B 1 4  ? -2.897  -10.161 4.545   1.00 38.40 ? 16 DG  B "O4'" 1 
ATOM   311 C "C3'" . DG  B 1 4  ? -5.044  -9.648  3.662   1.00 38.51 ? 16 DG  B "C3'" 1 
ATOM   312 O "O3'" . DG  B 1 4  ? -5.895  -9.079  4.653   1.00 38.64 ? 16 DG  B "O3'" 1 
ATOM   313 C "C2'" . DG  B 1 4  ? -4.012  -8.670  3.120   1.00 38.38 ? 16 DG  B "C2'" 1 
ATOM   314 C "C1'" . DG  B 1 4  ? -2.851  -8.817  4.090   1.00 38.25 ? 16 DG  B "C1'" 1 
ATOM   315 N N9    . DG  B 1 4  ? -1.531  -8.609  3.504   1.00 38.06 ? 16 DG  B N9    1 
ATOM   316 C C8    . DG  B 1 4  ? -1.062  -9.135  2.328   1.00 37.96 ? 16 DG  B C8    1 
ATOM   317 N N7    . DG  B 1 4  ? 0.181   -8.824  2.085   1.00 37.90 ? 16 DG  B N7    1 
ATOM   318 C C5    . DG  B 1 4  ? 0.554   -8.036  3.161   1.00 37.85 ? 16 DG  B C5    1 
ATOM   319 C C6    . DG  B 1 4  ? 1.795   -7.413  3.451   1.00 37.84 ? 16 DG  B C6    1 
ATOM   320 O O6    . DG  B 1 4  ? 2.844   -7.443  2.799   1.00 37.78 ? 16 DG  B O6    1 
ATOM   321 N N1    . DG  B 1 4  ? 1.739   -6.698  4.643   1.00 37.79 ? 16 DG  B N1    1 
ATOM   322 C C2    . DG  B 1 4  ? 0.630   -6.596  5.450   1.00 37.78 ? 16 DG  B C2    1 
ATOM   323 N N2    . DG  B 1 4  ? 0.764   -5.845  6.558   1.00 37.72 ? 16 DG  B N2    1 
ATOM   324 N N3    . DG  B 1 4  ? -0.530  -7.181  5.192   1.00 37.81 ? 16 DG  B N3    1 
ATOM   325 C C4    . DG  B 1 4  ? -0.495  -7.879  4.039   1.00 37.91 ? 16 DG  B C4    1 
ATOM   326 P P     . DA  B 1 5  ? -6.531  -7.638  4.418   1.00 38.75 ? 17 DA  B P     1 
ATOM   327 O OP1   . DA  B 1 5  ? -7.796  -7.545  5.190   1.00 38.73 ? 17 DA  B OP1   1 
ATOM   328 O OP2   . DA  B 1 5  ? -6.550  -7.446  2.946   1.00 38.75 ? 17 DA  B OP2   1 
ATOM   329 O "O5'" . DA  B 1 5  ? -5.461  -6.667  5.083   1.00 38.86 ? 17 DA  B "O5'" 1 
ATOM   330 C "C5'" . DA  B 1 5  ? -5.032  -6.883  6.423   1.00 39.08 ? 17 DA  B "C5'" 1 
ATOM   331 C "C4'" . DA  B 1 5  ? -4.494  -5.601  7.012   1.00 39.19 ? 17 DA  B "C4'" 1 
ATOM   332 O "O4'" . DA  B 1 5  ? -3.167  -5.334  6.509   1.00 39.26 ? 17 DA  B "O4'" 1 
ATOM   333 C "C3'" . DA  B 1 5  ? -5.328  -4.372  6.675   1.00 39.24 ? 17 DA  B "C3'" 1 
ATOM   334 O "O3'" . DA  B 1 5  ? -5.328  -3.479  7.785   1.00 39.26 ? 17 DA  B "O3'" 1 
ATOM   335 C "C2'" . DA  B 1 5  ? -4.600  -3.767  5.486   1.00 39.24 ? 17 DA  B "C2'" 1 
ATOM   336 C "C1'" . DA  B 1 5  ? -3.147  -4.123  5.755   1.00 39.22 ? 17 DA  B "C1'" 1 
ATOM   337 N N9    . DA  B 1 5  ? -2.377  -4.387  4.539   1.00 39.10 ? 17 DA  B N9    1 
ATOM   338 C C8    . DA  B 1 5  ? -2.790  -5.105  3.445   1.00 39.08 ? 17 DA  B C8    1 
ATOM   339 N N7    . DA  B 1 5  ? -1.873  -5.238  2.524   1.00 39.01 ? 17 DA  B N7    1 
ATOM   340 C C5    . DA  B 1 5  ? -0.784  -4.552  3.037   1.00 38.98 ? 17 DA  B C5    1 
ATOM   341 C C6    . DA  B 1 5  ? 0.510   -4.340  2.543   1.00 38.93 ? 17 DA  B C6    1 
ATOM   342 N N6    . DA  B 1 5  ? 0.944   -4.838  1.379   1.00 38.87 ? 17 DA  B N6    1 
ATOM   343 N N1    . DA  B 1 5  ? 1.356   -3.602  3.293   1.00 38.92 ? 17 DA  B N1    1 
ATOM   344 C C2    . DA  B 1 5  ? 0.920   -3.126  4.467   1.00 38.93 ? 17 DA  B C2    1 
ATOM   345 N N3    . DA  B 1 5  ? -0.269  -3.270  5.046   1.00 38.94 ? 17 DA  B N3    1 
ATOM   346 C C4    . DA  B 1 5  ? -1.086  -4.003  4.270   1.00 39.01 ? 17 DA  B C4    1 
ATOM   347 P P     . DA  B 1 6  ? -5.874  -1.985  7.599   1.00 39.31 ? 18 DA  B P     1 
ATOM   348 O OP1   . DA  B 1 6  ? -6.439  -1.536  8.898   1.00 39.33 ? 18 DA  B OP1   1 
ATOM   349 O OP2   . DA  B 1 6  ? -6.714  -1.959  6.368   1.00 39.34 ? 18 DA  B OP2   1 
ATOM   350 O "O5'" . DA  B 1 6  ? -4.551  -1.150  7.333   1.00 39.32 ? 18 DA  B "O5'" 1 
ATOM   351 C "C5'" . DA  B 1 6  ? -3.479  -1.216  8.259   1.00 39.35 ? 18 DA  B "C5'" 1 
ATOM   352 C "C4'" . DA  B 1 6  ? -2.443  -0.172  7.927   1.00 39.39 ? 18 DA  B "C4'" 1 
ATOM   353 O "O4'" . DA  B 1 6  ? -1.710  -0.576  6.747   1.00 39.30 ? 18 DA  B "O4'" 1 
ATOM   354 C "C3'" . DA  B 1 6  ? -3.006  1.217   7.640   1.00 39.45 ? 18 DA  B "C3'" 1 
ATOM   355 O "O3'" . DA  B 1 6  ? -2.196  2.190   8.314   1.00 39.71 ? 18 DA  B "O3'" 1 
ATOM   356 C "C2'" . DA  B 1 6  ? -2.942  1.325   6.124   1.00 39.31 ? 18 DA  B "C2'" 1 
ATOM   357 C "C1'" . DA  B 1 6  ? -1.760  0.438   5.759   1.00 39.16 ? 18 DA  B "C1'" 1 
ATOM   358 N N9    . DA  B 1 6  ? -1.863  -0.228  4.461   1.00 38.92 ? 18 DA  B N9    1 
ATOM   359 C C8    . DA  B 1 6  ? -2.946  -0.883  3.943   1.00 38.84 ? 18 DA  B C8    1 
ATOM   360 N N7    . DA  B 1 6  ? -2.731  -1.410  2.763   1.00 38.72 ? 18 DA  B N7    1 
ATOM   361 C C5    . DA  B 1 6  ? -1.415  -1.076  2.483   1.00 38.64 ? 18 DA  B C5    1 
ATOM   362 C C6    . DA  B 1 6  ? -0.580  -1.347  1.383   1.00 38.54 ? 18 DA  B C6    1 
ATOM   363 N N6    . DA  B 1 6  ? -0.961  -2.055  0.320   1.00 38.46 ? 18 DA  B N6    1 
ATOM   364 N N1    . DA  B 1 6  ? 0.676   -0.865  1.418   1.00 38.49 ? 18 DA  B N1    1 
ATOM   365 C C2    . DA  B 1 6  ? 1.062   -0.169  2.482   1.00 38.54 ? 18 DA  B C2    1 
ATOM   366 N N3    . DA  B 1 6  ? 0.375   0.151   3.577   1.00 38.63 ? 18 DA  B N3    1 
ATOM   367 C C4    . DA  B 1 6  ? -0.871  -0.340  3.516   1.00 38.73 ? 18 DA  B C4    1 
ATOM   368 P P     . DT  B 1 7  ? -2.441  3.760   8.076   1.00 39.92 ? 19 DT  B P     1 
ATOM   369 O OP1   . DT  B 1 7  ? -2.012  4.496   9.296   1.00 39.91 ? 19 DT  B OP1   1 
ATOM   370 O OP2   . DT  B 1 7  ? -3.818  3.944   7.553   1.00 39.90 ? 19 DT  B OP2   1 
ATOM   371 O "O5'" . DT  B 1 7  ? -1.395  4.073   6.926   1.00 40.06 ? 19 DT  B "O5'" 1 
ATOM   372 C "C5'" . DT  B 1 7  ? -0.072  3.585   7.059   1.00 40.33 ? 19 DT  B "C5'" 1 
ATOM   373 C "C4'" . DT  B 1 7  ? 0.773   4.003   5.884   1.00 40.53 ? 19 DT  B "C4'" 1 
ATOM   374 O "O4'" . DT  B 1 7  ? 0.522   3.162   4.736   1.00 40.49 ? 19 DT  B "O4'" 1 
ATOM   375 C "C3'" . DT  B 1 7  ? 0.573   5.441   5.426   1.00 40.73 ? 19 DT  B "C3'" 1 
ATOM   376 O "O3'" . DT  B 1 7  ? 1.854   6.034   5.223   1.00 41.15 ? 19 DT  B "O3'" 1 
ATOM   377 C "C2'" . DT  B 1 7  ? -0.181  5.286   4.116   1.00 40.60 ? 19 DT  B "C2'" 1 
ATOM   378 C "C1'" . DT  B 1 7  ? 0.382   3.979   3.595   1.00 40.45 ? 19 DT  B "C1'" 1 
ATOM   379 N N1    . DT  B 1 7  ? -0.456  3.258   2.625   1.00 40.32 ? 19 DT  B N1    1 
ATOM   380 C C2    . DT  B 1 7  ? 0.151   2.791   1.484   1.00 40.26 ? 19 DT  B C2    1 
ATOM   381 O O2    . DT  B 1 7  ? 1.330   2.964   1.239   1.00 40.22 ? 19 DT  B O2    1 
ATOM   382 N N3    . DT  B 1 7  ? -0.678  2.110   0.635   1.00 40.22 ? 19 DT  B N3    1 
ATOM   383 C C4    . DT  B 1 7  ? -2.017  1.865   0.803   1.00 40.20 ? 19 DT  B C4    1 
ATOM   384 O O4    . DT  B 1 7  ? -2.626  1.228   -0.042  1.00 40.24 ? 19 DT  B O4    1 
ATOM   385 C C5    . DT  B 1 7  ? -2.596  2.401   2.012   1.00 40.20 ? 19 DT  B C5    1 
ATOM   386 C C7    . DT  B 1 7  ? -4.056  2.213   2.266   1.00 40.15 ? 19 DT  B C7    1 
ATOM   387 C C6    . DT  B 1 7  ? -1.795  3.056   2.856   1.00 40.24 ? 19 DT  B C6    1 
ATOM   388 P P     . DT  B 1 8  ? 2.040   7.609   5.459   1.00 41.47 ? 20 DT  B P     1 
ATOM   389 O OP1   . DT  B 1 8  ? 3.319   7.824   6.181   1.00 41.45 ? 20 DT  B OP1   1 
ATOM   390 O OP2   . DT  B 1 8  ? 0.779   8.167   6.013   1.00 41.45 ? 20 DT  B OP2   1 
ATOM   391 O "O5'" . DT  B 1 8  ? 2.218   8.134   3.977   1.00 41.69 ? 20 DT  B "O5'" 1 
ATOM   392 C "C5'" . DT  B 1 8  ? 1.919   7.271   2.909   1.00 42.10 ? 20 DT  B "C5'" 1 
ATOM   393 C "C4'" . DT  B 1 8  ? 3.072   7.228   1.942   1.00 42.40 ? 20 DT  B "C4'" 1 
ATOM   394 O "O4'" . DT  B 1 8  ? 2.766   6.226   0.955   1.00 42.45 ? 20 DT  B "O4'" 1 
ATOM   395 C "C3'" . DT  B 1 8  ? 3.234   8.520   1.160   1.00 42.61 ? 20 DT  B "C3'" 1 
ATOM   396 O "O3'" . DT  B 1 8  ? 4.583   8.625   0.706   1.00 42.96 ? 20 DT  B "O3'" 1 
ATOM   397 C "C2'" . DT  B 1 8  ? 2.248   8.343   0.019   1.00 42.56 ? 20 DT  B "C2'" 1 
ATOM   398 C "C1'" . DT  B 1 8  ? 2.245   6.832   -0.220  1.00 42.49 ? 20 DT  B "C1'" 1 
ATOM   399 N N1    . DT  B 1 8  ? 0.899   6.256   -0.442  1.00 42.47 ? 20 DT  B N1    1 
ATOM   400 C C2    . DT  B 1 8  ? 0.683   5.511   -1.578  1.00 42.44 ? 20 DT  B C2    1 
ATOM   401 O O2    . DT  B 1 8  ? 1.546   5.317   -2.422  1.00 42.47 ? 20 DT  B O2    1 
ATOM   402 N N3    . DT  B 1 8  ? -0.590  4.994   -1.688  1.00 42.42 ? 20 DT  B N3    1 
ATOM   403 C C4    . DT  B 1 8  ? -1.639  5.154   -0.797  1.00 42.41 ? 20 DT  B C4    1 
ATOM   404 O O4    . DT  B 1 8  ? -2.721  4.618   -1.019  1.00 42.44 ? 20 DT  B O4    1 
ATOM   405 C C5    . DT  B 1 8  ? -1.346  5.963   0.359   1.00 42.40 ? 20 DT  B C5    1 
ATOM   406 C C7    . DT  B 1 8  ? -2.428  6.216   1.358   1.00 42.36 ? 20 DT  B C7    1 
ATOM   407 C C6    . DT  B 1 8  ? -0.108  6.461   0.483   1.00 42.43 ? 20 DT  B C6    1 
HETATM 408 P P     . B7C B 1 9  ? 4.950   9.667   -0.456  1.00 43.22 ? 21 B7C B P     1 
HETATM 409 O OP1   . B7C B 1 9  ? 6.427   9.684   -0.620  1.00 43.23 ? 21 B7C B OP1   1 
HETATM 410 O OP2   . B7C B 1 9  ? 4.228   10.930  -0.143  1.00 43.22 ? 21 B7C B OP2   1 
HETATM 411 O "O5'" . B7C B 1 9  ? 4.301   9.013   -1.754  1.00 43.38 ? 21 B7C B "O5'" 1 
HETATM 412 N N1    . B7C B 1 9  ? 1.150   8.171   -4.298  1.00 43.76 ? 21 B7C B N1    1 
HETATM 413 C C6    . B7C B 1 9  ? 0.717   8.864   -3.204  1.00 43.67 ? 21 B7C B C6    1 
HETATM 414 C C2    . B7C B 1 9  ? 0.302   7.284   -4.949  1.00 43.68 ? 21 B7C B C2    1 
HETATM 415 O O2    . B7C B 1 9  ? 0.719   6.688   -5.954  1.00 43.67 ? 21 B7C B O2    1 
HETATM 416 N N3    . B7C B 1 9  ? -0.948  7.092   -4.472  1.00 43.63 ? 21 B7C B N3    1 
HETATM 417 C C4    . B7C B 1 9  ? -1.352  7.749   -3.387  1.00 43.63 ? 21 B7C B C4    1 
HETATM 418 N N4    . B7C B 1 9  ? -2.581  7.487   -2.903  1.00 43.59 ? 21 B7C B N4    1 
HETATM 419 C C5    . B7C B 1 9  ? -0.514  8.683   -2.720  1.00 43.61 ? 21 B7C B C5    1 
HETATM 420 C C7    . B7C B 1 9  ? -0.921  9.184   -1.421  1.00 43.60 ? 21 B7C B C7    1 
HETATM 421 C C8    . B7C B 1 9  ? -2.210  9.070   -1.095  1.00 43.57 ? 21 B7C B C8    1 
HETATM 422 C C9    . B7C B 1 9  ? -3.162  8.621   -2.172  1.00 43.58 ? 21 B7C B C9    1 
HETATM 423 C "C2'" . B7C B 1 9  ? 3.147   9.681   -4.502  1.00 43.95 ? 21 B7C B "C2'" 1 
HETATM 424 C "C5'" . B7C B 1 9  ? 4.902   7.882   -2.379  1.00 43.68 ? 21 B7C B "C5'" 1 
HETATM 425 C "C4'" . B7C B 1 9  ? 4.636   7.919   -3.864  1.00 43.87 ? 21 B7C B "C4'" 1 
HETATM 426 O "O4'" . B7C B 1 9  ? 3.334   7.361   -4.158  1.00 43.85 ? 21 B7C B "O4'" 1 
HETATM 427 C "C1'" . B7C B 1 9  ? 2.519   8.331   -4.805  1.00 43.83 ? 21 B7C B "C1'" 1 
HETATM 428 C "C3'" . B7C B 1 9  ? 4.625   9.346   -4.410  1.00 44.04 ? 21 B7C B "C3'" 1 
HETATM 429 O "O3'" . B7C B 1 9  ? 5.265   9.416   -5.685  1.00 44.31 ? 21 B7C B "O3'" 1 
ATOM   430 P P     . DG  B 1 10 ? 5.234   10.795  -6.509  1.00 44.57 ? 22 DG  B P     1 
ATOM   431 O OP1   . DG  B 1 10 ? 6.585   11.028  -7.089  1.00 44.54 ? 22 DG  B OP1   1 
ATOM   432 O OP2   . DG  B 1 10 ? 4.600   11.847  -5.663  1.00 44.56 ? 22 DG  B OP2   1 
ATOM   433 O "O5'" . DG  B 1 10 ? 4.244   10.445  -7.697  1.00 44.74 ? 22 DG  B "O5'" 1 
ATOM   434 C "C5'" . DG  B 1 10 ? 4.309   9.170   -8.319  1.00 45.04 ? 22 DG  B "C5'" 1 
ATOM   435 C "C4'" . DG  B 1 10 ? 3.315   9.100   -9.448  1.00 45.26 ? 22 DG  B "C4'" 1 
ATOM   436 O "O4'" . DG  B 1 10 ? 1.981   8.872   -8.936  1.00 45.21 ? 22 DG  B "O4'" 1 
ATOM   437 C "C3'" . DG  B 1 10 ? 3.243   10.380  -10.271 1.00 45.43 ? 22 DG  B "C3'" 1 
ATOM   438 O "O3'" . DG  B 1 10 ? 3.150   10.005  -11.649 1.00 45.80 ? 22 DG  B "O3'" 1 
ATOM   439 C "C2'" . DG  B 1 10 ? 2.026   11.101  -9.700  1.00 45.31 ? 22 DG  B "C2'" 1 
ATOM   440 C "C1'" . DG  B 1 10 ? 1.120   9.961   -9.251  1.00 45.14 ? 22 DG  B "C1'" 1 
ATOM   441 N N9    . DG  B 1 10 ? 0.286   10.209  -8.073  1.00 44.97 ? 22 DG  B N9    1 
ATOM   442 C C8    . DG  B 1 10 ? 0.570   11.010  -6.989  1.00 44.88 ? 22 DG  B C8    1 
ATOM   443 N N7    . DG  B 1 10 ? -0.357  10.971  -6.064  1.00 44.82 ? 22 DG  B N7    1 
ATOM   444 C C5    . DG  B 1 10 ? -1.320  10.106  -6.575  1.00 44.78 ? 22 DG  B C5    1 
ATOM   445 C C6    . DG  B 1 10 ? -2.567  9.660   -6.022  1.00 44.75 ? 22 DG  B C6    1 
ATOM   446 O O6    . DG  B 1 10 ? -3.082  9.948   -4.940  1.00 44.69 ? 22 DG  B O6    1 
ATOM   447 N N1    . DG  B 1 10 ? -3.227  8.792   -6.881  1.00 44.71 ? 22 DG  B N1    1 
ATOM   448 C C2    . DG  B 1 10 ? -2.767  8.398   -8.110  1.00 44.72 ? 22 DG  B C2    1 
ATOM   449 N N2    . DG  B 1 10 ? -3.564  7.571   -8.794  1.00 44.69 ? 22 DG  B N2    1 
ATOM   450 N N3    . DG  B 1 10 ? -1.613  8.792   -8.635  1.00 44.76 ? 22 DG  B N3    1 
ATOM   451 C C4    . DG  B 1 10 ? -0.947  9.639   -7.819  1.00 44.85 ? 22 DG  B C4    1 
ATOM   452 P P     . DC  B 1 11 ? 2.450   10.982  -12.707 1.00 46.06 ? 23 DC  B P     1 
ATOM   453 O OP1   . DC  B 1 11 ? 3.188   10.866  -14.001 1.00 46.07 ? 23 DC  B OP1   1 
ATOM   454 O OP2   . DC  B 1 11 ? 2.275   12.320  -12.074 1.00 46.12 ? 23 DC  B OP2   1 
ATOM   455 O "O5'" . DC  B 1 11 ? 1.024   10.296  -12.902 1.00 46.18 ? 23 DC  B "O5'" 1 
ATOM   456 C "C5'" . DC  B 1 11 ? 0.918   8.930   -13.321 1.00 46.35 ? 23 DC  B "C5'" 1 
ATOM   457 C "C4'" . DC  B 1 11 ? -0.467  8.675   -13.863 1.00 46.48 ? 23 DC  B "C4'" 1 
ATOM   458 O "O4'" . DC  B 1 11 ? -1.393  8.804   -12.761 1.00 46.54 ? 23 DC  B "O4'" 1 
ATOM   459 C "C3'" . DC  B 1 11 ? -0.880  9.729   -14.889 1.00 46.53 ? 23 DC  B "C3'" 1 
ATOM   460 O "O3'" . DC  B 1 11 ? -1.732  9.200   -15.905 1.00 46.53 ? 23 DC  B "O3'" 1 
ATOM   461 C "C2'" . DC  B 1 11 ? -1.625  10.750  -14.059 1.00 46.59 ? 23 DC  B "C2'" 1 
ATOM   462 C "C1'" . DC  B 1 11 ? -2.263  9.901   -12.977 1.00 46.60 ? 23 DC  B "C1'" 1 
ATOM   463 N N1    . DC  B 1 11 ? -2.397  10.624  -11.713 1.00 46.63 ? 23 DC  B N1    1 
ATOM   464 C C2    . DC  B 1 11 ? -3.571  10.492  -10.988 1.00 46.67 ? 23 DC  B C2    1 
ATOM   465 O O2    . DC  B 1 11 ? -4.450  9.733   -11.410 1.00 46.68 ? 23 DC  B O2    1 
ATOM   466 N N3    . DC  B 1 11 ? -3.721  11.192  -9.846  1.00 46.68 ? 23 DC  B N3    1 
ATOM   467 C C4    . DC  B 1 11 ? -2.741  11.995  -9.425  1.00 46.72 ? 23 DC  B C4    1 
ATOM   468 N N4    . DC  B 1 11 ? -2.932  12.684  -8.301  1.00 46.76 ? 23 DC  B N4    1 
ATOM   469 C C5    . DC  B 1 11 ? -1.522  12.131  -10.138 1.00 46.72 ? 23 DC  B C5    1 
ATOM   470 C C6    . DC  B 1 11 ? -1.393  11.432  -11.264 1.00 46.69 ? 23 DC  B C6    1 
ATOM   471 P P     . DG  B 1 12 ? -2.064  10.094  -17.206 1.00 46.51 ? 24 DG  B P     1 
ATOM   472 O OP1   . DG  B 1 12 ? -1.468  9.410   -18.381 1.00 46.53 ? 24 DG  B OP1   1 
ATOM   473 O OP2   . DG  B 1 12 ? -1.748  11.531  -16.945 1.00 46.53 ? 24 DG  B OP2   1 
ATOM   474 O "O5'" . DG  B 1 12 ? -3.637  9.956   -17.357 1.00 46.36 ? 24 DG  B "O5'" 1 
ATOM   475 C "C5'" . DG  B 1 12 ? -4.254  8.685   -17.247 1.00 46.09 ? 24 DG  B "C5'" 1 
ATOM   476 C "C4'" . DG  B 1 12 ? -5.676  8.853   -16.776 1.00 45.91 ? 24 DG  B "C4'" 1 
ATOM   477 O "O4'" . DG  B 1 12 ? -5.670  9.300   -15.395 1.00 45.79 ? 24 DG  B "O4'" 1 
ATOM   478 C "C3'" . DG  B 1 12 ? -6.439  9.914   -17.569 1.00 45.84 ? 24 DG  B "C3'" 1 
ATOM   479 O "O3'" . DG  B 1 12 ? -7.815  9.589   -17.695 1.00 45.85 ? 24 DG  B "O3'" 1 
ATOM   480 C "C2'" . DG  B 1 12 ? -6.384  11.125  -16.662 1.00 45.75 ? 24 DG  B "C2'" 1 
ATOM   481 C "C1'" . DG  B 1 12 ? -6.424  10.494  -15.281 1.00 45.68 ? 24 DG  B "C1'" 1 
ATOM   482 N N9    . DG  B 1 12 ? -5.802  11.332  -14.266 1.00 45.53 ? 24 DG  B N9    1 
ATOM   483 C C8    . DG  B 1 12 ? -4.530  11.832  -14.297 1.00 45.46 ? 24 DG  B C8    1 
ATOM   484 N N7    . DG  B 1 12 ? -4.265  12.623  -13.296 1.00 45.39 ? 24 DG  B N7    1 
ATOM   485 C C5    . DG  B 1 12 ? -5.432  12.634  -12.551 1.00 45.35 ? 24 DG  B C5    1 
ATOM   486 C C6    . DG  B 1 12 ? -5.747  13.330  -11.365 1.00 45.29 ? 24 DG  B C6    1 
ATOM   487 O O6    . DG  B 1 12 ? -5.043  14.112  -10.732 1.00 45.23 ? 24 DG  B O6    1 
ATOM   488 N N1    . DG  B 1 12 ? -7.033  13.047  -10.932 1.00 45.27 ? 24 DG  B N1    1 
ATOM   489 C C2    . DG  B 1 12 ? -7.911  12.212  -11.571 1.00 45.30 ? 24 DG  B C2    1 
ATOM   490 N N2    . DG  B 1 12 ? -9.111  12.080  -10.993 1.00 45.30 ? 24 DG  B N2    1 
ATOM   491 N N3    . DG  B 1 12 ? -7.634  11.561  -12.690 1.00 45.35 ? 24 DG  B N3    1 
ATOM   492 C C4    . DG  B 1 12 ? -6.384  11.820  -13.122 1.00 45.40 ? 24 DG  B C4    1 
HETATM 493 N N1    . DAP C 2 .  ? 3.605   2.345   3.751   1.00 79.63 ? 25 DAP B N1    1 
HETATM 494 C C2    . DAP C 2 .  ? 3.767   2.506   5.109   1.00 79.63 ? 25 DAP B C2    1 
HETATM 495 C C3    . DAP C 2 .  ? 4.546   3.609   5.336   1.00 79.65 ? 25 DAP B C3    1 
HETATM 496 C C4    . DAP C 2 .  ? 5.819   5.184   3.655   1.00 79.54 ? 25 DAP B C4    1 
HETATM 497 C C5    . DAP C 2 .  ? 6.115   5.364   2.298   1.00 79.47 ? 25 DAP B C5    1 
HETATM 498 C C6    . DAP C 2 .  ? 5.521   4.522   1.298   1.00 79.52 ? 25 DAP B C6    1 
HETATM 499 C C7    . DAP C 2 .  ? 4.606   3.509   1.699   1.00 79.53 ? 25 DAP B C7    1 
HETATM 500 C C8    . DAP C 2 .  ? 4.345   3.287   3.080   1.00 79.51 ? 25 DAP B C8    1 
HETATM 501 C C9    . DAP C 2 .  ? 4.956   4.118   4.067   1.00 79.54 ? 25 DAP B C9    1 
HETATM 502 C C10   . DAP C 2 .  ? 5.867   4.697   -0.154  1.00 79.62 ? 25 DAP B C10   1 
HETATM 503 N N2    . DAP C 2 .  ? 5.280   3.973   -1.070  1.00 79.66 ? 25 DAP B N2    1 
HETATM 504 N N3    . DAP C 2 .  ? 6.808   5.626   -0.541  1.00 79.61 ? 25 DAP B N3    1 
HETATM 505 C "C1'" . DAP C 2 .  ? 3.146   1.605   6.129   1.00 79.71 ? 25 DAP B "C1'" 1 
HETATM 506 C "C2'" . DAP C 2 .  ? 2.556   0.391   5.686   1.00 79.71 ? 25 DAP B "C2'" 1 
HETATM 507 C "C3'" . DAP C 2 .  ? 1.805   -0.413  6.555   1.00 79.72 ? 25 DAP B "C3'" 1 
HETATM 508 C "C4'" . DAP C 2 .  ? 1.642   -0.041  7.918   1.00 79.69 ? 25 DAP B "C4'" 1 
HETATM 509 C "C5'" . DAP C 2 .  ? 2.258   1.170   8.391   1.00 79.74 ? 25 DAP B "C5'" 1 
HETATM 510 C "C6'" . DAP C 2 .  ? 3.003   1.989   7.504   1.00 79.67 ? 25 DAP B "C6'" 1 
HETATM 511 C C11   . DAP C 2 .  ? 0.837   -0.916  8.842   1.00 79.75 ? 25 DAP B C11   1 
HETATM 512 N N4    . DAP C 2 .  ? 0.219   -1.982  8.383   1.00 79.69 ? 25 DAP B N4    1 
HETATM 513 N N5    . DAP C 2 .  ? 0.732   -0.599  10.186  1.00 79.72 ? 25 DAP B N5    1 
HETATM 514 O O     . HOH D 3 .  ? 3.262   3.906   -7.312  1.00 2.94  ? 13 HOH A O     1 
HETATM 515 O O     . HOH D 3 .  ? 3.036   2.359   -12.221 1.00 21.94 ? 14 HOH A O     1 
HETATM 516 O O     . HOH D 3 .  ? -6.020  5.685   -2.297  1.00 20.68 ? 15 HOH A O     1 
HETATM 517 O O     . HOH D 3 .  ? 3.984   -6.707  -1.016  1.00 36.50 ? 16 HOH A O     1 
HETATM 518 O O     . HOH D 3 .  ? -7.744  3.953   -3.615  1.00 30.76 ? 17 HOH A O     1 
HETATM 519 O O     . HOH D 3 .  ? 3.870   5.580   -14.071 1.00 28.57 ? 18 HOH A O     1 
HETATM 520 O O     . HOH D 3 .  ? -0.318  -4.562  -9.613  1.00 17.25 ? 19 HOH A O     1 
HETATM 521 O O     . HOH D 3 .  ? 0.233   -4.455  -3.023  1.00 18.52 ? 20 HOH A O     1 
HETATM 522 O O     . HOH E 3 .  ? 7.358   8.786   -8.187  1.00 24.81 ? 1  HOH B O     1 
HETATM 523 O O     . HOH E 3 .  ? 4.451   4.606   -3.740  1.00 29.22 ? 3  HOH B O     1 
HETATM 524 O O     . HOH E 3 .  ? -3.672  -2.767  0.418   1.00 35.64 ? 6  HOH B O     1 
HETATM 525 O O     . HOH E 3 .  ? -0.062  12.150  -3.602  1.00 28.19 ? 10 HOH B O     1 
HETATM 526 O O     . HOH E 3 .  ? 0.553   4.466   12.306  1.00 33.96 ? 12 HOH B O     1 
HETATM 527 O O     . HOH E 3 .  ? -6.440  0.480   11.530  1.00 36.18 ? 26 HOH B O     1 
HETATM 528 O O     . HOH E 3 .  ? -10.441 -1.951  8.672   1.00 21.94 ? 27 HOH B O     1 
HETATM 529 O O     . HOH E 3 .  ? 5.357   -17.207 -3.766  1.00 21.94 ? 28 HOH B O     1 
# 
loop_
_pdbx_poly_seq_scheme.asym_id 
_pdbx_poly_seq_scheme.entity_id 
_pdbx_poly_seq_scheme.seq_id 
_pdbx_poly_seq_scheme.mon_id 
_pdbx_poly_seq_scheme.ndb_seq_num 
_pdbx_poly_seq_scheme.pdb_seq_num 
_pdbx_poly_seq_scheme.auth_seq_num 
_pdbx_poly_seq_scheme.pdb_mon_id 
_pdbx_poly_seq_scheme.auth_mon_id 
_pdbx_poly_seq_scheme.pdb_strand_id 
_pdbx_poly_seq_scheme.pdb_ins_code 
_pdbx_poly_seq_scheme.hetero 
A 1 1  DC  1  1  1  DC  CYT A . n 
A 1 2  DG  2  2  2  DG  GUA A . n 
A 1 3  DC  3  3  3  DC  CYT A . n 
A 1 4  DG  4  4  4  DG  GUX A . n 
A 1 5  DA  5  5  5  DA  ADE A . n 
A 1 6  DA  6  6  6  DA  ADE A . n 
A 1 7  DT  7  7  7  DT  THY A . n 
A 1 8  DT  8  8  8  DT  THY A . n 
A 1 9  B7C 9  9  9  B7C BIC A . n 
A 1 10 DG  10 10 10 DG  GUA A . n 
A 1 11 DC  11 11 11 DC  CYT A . n 
A 1 12 DG  12 12 12 DG  GUA A . n 
B 1 1  DC  1  13 13 DC  CYT B . n 
B 1 2  DG  2  14 14 DG  GUA B . n 
B 1 3  DC  3  15 15 DC  CYT B . n 
B 1 4  DG  4  16 16 DG  GUX B . n 
B 1 5  DA  5  17 17 DA  ADE B . n 
B 1 6  DA  6  18 18 DA  ADE B . n 
B 1 7  DT  7  19 19 DT  THY B . n 
B 1 8  DT  8  20 20 DT  THY B . n 
B 1 9  B7C 9  21 21 B7C BIC B . n 
B 1 10 DG  10 22 22 DG  GUA B . n 
B 1 11 DC  11 23 23 DC  CYT B . n 
B 1 12 DG  12 24 24 DG  GUA B . n 
# 
loop_
_pdbx_nonpoly_scheme.asym_id 
_pdbx_nonpoly_scheme.entity_id 
_pdbx_nonpoly_scheme.mon_id 
_pdbx_nonpoly_scheme.ndb_seq_num 
_pdbx_nonpoly_scheme.pdb_seq_num 
_pdbx_nonpoly_scheme.auth_seq_num 
_pdbx_nonpoly_scheme.pdb_mon_id 
_pdbx_nonpoly_scheme.auth_mon_id 
_pdbx_nonpoly_scheme.pdb_strand_id 
_pdbx_nonpoly_scheme.pdb_ins_code 
C 2 DAP 1 25 25 DAP DAP B . 
D 3 HOH 1 13 2  HOH HOH A . 
D 3 HOH 2 14 14 HOH HOH A . 
D 3 HOH 3 15 4  HOH HOH A . 
D 3 HOH 4 16 5  HOH HOH A . 
D 3 HOH 5 17 7  HOH HOH A . 
D 3 HOH 6 18 8  HOH HOH A . 
D 3 HOH 7 19 9  HOH HOH A . 
D 3 HOH 8 20 11 HOH HOH A . 
E 3 HOH 1 1  1  HOH HOH B . 
E 3 HOH 2 3  3  HOH HOH B . 
E 3 HOH 3 6  6  HOH HOH B . 
E 3 HOH 4 10 10 HOH HOH B . 
E 3 HOH 5 12 12 HOH HOH B . 
E 3 HOH 6 26 13 HOH HOH B . 
E 3 HOH 7 27 15 HOH HOH B . 
E 3 HOH 8 28 16 HOH HOH B . 
# 
loop_
_pdbx_struct_mod_residue.id 
_pdbx_struct_mod_residue.label_asym_id 
_pdbx_struct_mod_residue.label_comp_id 
_pdbx_struct_mod_residue.label_seq_id 
_pdbx_struct_mod_residue.auth_asym_id 
_pdbx_struct_mod_residue.auth_comp_id 
_pdbx_struct_mod_residue.auth_seq_id 
_pdbx_struct_mod_residue.PDB_ins_code 
_pdbx_struct_mod_residue.parent_comp_id 
_pdbx_struct_mod_residue.details 
1 A B7C 9 A B7C 9  ? DC ? 
2 B B7C 9 B B7C 21 ? DC ? 
# 
_struct_site_keywords.site_id   1 
_struct_site_keywords.text      'MAJOR GROOVE BINDER' 
# 
_pdbx_struct_assembly.id                   1 
_pdbx_struct_assembly.details              author_and_software_defined_assembly 
_pdbx_struct_assembly.method_details       PISA 
_pdbx_struct_assembly.oligomeric_details   dimeric 
_pdbx_struct_assembly.oligomeric_count     2 
# 
_pdbx_struct_assembly_gen.assembly_id       1 
_pdbx_struct_assembly_gen.oper_expression   1 
_pdbx_struct_assembly_gen.asym_id_list      A,B,C,D,E 
# 
loop_
_pdbx_struct_assembly_prop.biol_id 
_pdbx_struct_assembly_prop.type 
_pdbx_struct_assembly_prop.value 
_pdbx_struct_assembly_prop.details 
1 'ABSA (A^2)' 1910 ? 
1 MORE         7    ? 
1 'SSA (A^2)'  4210 ? 
# 
_pdbx_struct_oper_list.id                   1 
_pdbx_struct_oper_list.type                 'identity operation' 
_pdbx_struct_oper_list.name                 1_555 
_pdbx_struct_oper_list.symmetry_operation   x,y,z 
_pdbx_struct_oper_list.matrix[1][1]         1.0000000000 
_pdbx_struct_oper_list.matrix[1][2]         0.0000000000 
_pdbx_struct_oper_list.matrix[1][3]         0.0000000000 
_pdbx_struct_oper_list.vector[1]            0.0000000000 
_pdbx_struct_oper_list.matrix[2][1]         0.0000000000 
_pdbx_struct_oper_list.matrix[2][2]         1.0000000000 
_pdbx_struct_oper_list.matrix[2][3]         0.0000000000 
_pdbx_struct_oper_list.vector[2]            0.0000000000 
_pdbx_struct_oper_list.matrix[3][1]         0.0000000000 
_pdbx_struct_oper_list.matrix[3][2]         0.0000000000 
_pdbx_struct_oper_list.matrix[3][3]         1.0000000000 
_pdbx_struct_oper_list.vector[3]            0.0000000000 
# 
loop_
_pdbx_audit_revision_history.ordinal 
_pdbx_audit_revision_history.data_content_type 
_pdbx_audit_revision_history.major_revision 
_pdbx_audit_revision_history.minor_revision 
_pdbx_audit_revision_history.revision_date 
1 'Structure model' 1 0 2010-03-31 
2 'Structure model' 1 1 2011-07-13 
3 'Structure model' 1 2 2023-11-01 
# 
_pdbx_audit_revision_details.ordinal             1 
_pdbx_audit_revision_details.revision_ordinal    1 
_pdbx_audit_revision_details.data_content_type   'Structure model' 
_pdbx_audit_revision_details.provider            repository 
_pdbx_audit_revision_details.type                'Initial release' 
_pdbx_audit_revision_details.description         ? 
_pdbx_audit_revision_details.details             ? 
# 
loop_
_pdbx_audit_revision_group.ordinal 
_pdbx_audit_revision_group.revision_ordinal 
_pdbx_audit_revision_group.data_content_type 
_pdbx_audit_revision_group.group 
1 2 'Structure model' 'Version format compliance' 
2 3 'Structure model' 'Data collection'           
3 3 'Structure model' 'Database references'       
4 3 'Structure model' 'Derived calculations'      
5 3 'Structure model' 'Refinement description'    
# 
loop_
_pdbx_audit_revision_category.ordinal 
_pdbx_audit_revision_category.revision_ordinal 
_pdbx_audit_revision_category.data_content_type 
_pdbx_audit_revision_category.category 
1 3 'Structure model' chem_comp_atom                
2 3 'Structure model' chem_comp_bond                
3 3 'Structure model' database_2                    
4 3 'Structure model' pdbx_initial_refinement_model 
5 3 'Structure model' struct_conn                   
6 3 'Structure model' struct_site                   
# 
loop_
_pdbx_audit_revision_item.ordinal 
_pdbx_audit_revision_item.revision_ordinal 
_pdbx_audit_revision_item.data_content_type 
_pdbx_audit_revision_item.item 
1 3 'Structure model' '_database_2.pdbx_DOI'                
2 3 'Structure model' '_database_2.pdbx_database_accession' 
3 3 'Structure model' '_struct_conn.pdbx_leaving_atom_flag' 
4 3 'Structure model' '_struct_site.pdbx_auth_asym_id'      
5 3 'Structure model' '_struct_site.pdbx_auth_comp_id'      
6 3 'Structure model' '_struct_site.pdbx_auth_seq_id'       
# 
loop_
_software.name 
_software.classification 
_software.version 
_software.citation_id 
_software.pdbx_ordinal 
HKL-2000 'data collection' .   ? 1 
AMoRE    phasing           .   ? 2 
CNS      refinement        1.1 ? 3 
HKL-2000 'data reduction'  .   ? 4 
HKL-2000 'data scaling'    .   ? 5 
# 
loop_
_chem_comp_atom.comp_id 
_chem_comp_atom.atom_id 
_chem_comp_atom.type_symbol 
_chem_comp_atom.pdbx_aromatic_flag 
_chem_comp_atom.pdbx_stereo_config 
_chem_comp_atom.pdbx_ordinal 
B7C OP3    O N N 1   
B7C P      P N N 2   
B7C OP1    O N N 3   
B7C OP2    O N N 4   
B7C "O5'"  O N N 5   
B7C N1     N N N 6   
B7C C6     C N N 7   
B7C C2     C N N 8   
B7C O2     O N N 9   
B7C N3     N N N 10  
B7C C4     C N N 11  
B7C N4     N N N 12  
B7C C5     C N N 13  
B7C C7     C N N 14  
B7C C8     C N N 15  
B7C C9     C N N 16  
B7C "C2'"  C N N 17  
B7C "C5'"  C N N 18  
B7C "C4'"  C N R 19  
B7C "O4'"  O N N 20  
B7C "C1'"  C N R 21  
B7C "C3'"  C N S 22  
B7C "O3'"  O N N 23  
B7C HOP3   H N N 24  
B7C HOP1   H N N 25  
B7C H6     H N N 26  
B7C HN4    H N N 27  
B7C H7     H N N 28  
B7C H8     H N N 29  
B7C H9     H N N 30  
B7C H9A    H N N 31  
B7C "H2'"  H N N 32  
B7C "H2'A" H N N 33  
B7C "H5'"  H N N 34  
B7C "H5'A" H N N 35  
B7C "H4'"  H N N 36  
B7C "H1'"  H N N 37  
B7C "H3'"  H N N 38  
B7C "HO3'" H N N 39  
DA  OP3    O N N 40  
DA  P      P N N 41  
DA  OP1    O N N 42  
DA  OP2    O N N 43  
DA  "O5'"  O N N 44  
DA  "C5'"  C N N 45  
DA  "C4'"  C N R 46  
DA  "O4'"  O N N 47  
DA  "C3'"  C N S 48  
DA  "O3'"  O N N 49  
DA  "C2'"  C N N 50  
DA  "C1'"  C N R 51  
DA  N9     N Y N 52  
DA  C8     C Y N 53  
DA  N7     N Y N 54  
DA  C5     C Y N 55  
DA  C6     C Y N 56  
DA  N6     N N N 57  
DA  N1     N Y N 58  
DA  C2     C Y N 59  
DA  N3     N Y N 60  
DA  C4     C Y N 61  
DA  HOP3   H N N 62  
DA  HOP2   H N N 63  
DA  "H5'"  H N N 64  
DA  "H5''" H N N 65  
DA  "H4'"  H N N 66  
DA  "H3'"  H N N 67  
DA  "HO3'" H N N 68  
DA  "H2'"  H N N 69  
DA  "H2''" H N N 70  
DA  "H1'"  H N N 71  
DA  H8     H N N 72  
DA  H61    H N N 73  
DA  H62    H N N 74  
DA  H2     H N N 75  
DAP N1     N Y N 76  
DAP C2     C Y N 77  
DAP C3     C Y N 78  
DAP C4     C Y N 79  
DAP C5     C Y N 80  
DAP C6     C Y N 81  
DAP C7     C Y N 82  
DAP C8     C Y N 83  
DAP C9     C Y N 84  
DAP C10    C N N 85  
DAP N2     N N N 86  
DAP N3     N N N 87  
DAP "C1'"  C Y N 88  
DAP "C2'"  C Y N 89  
DAP "C3'"  C Y N 90  
DAP "C4'"  C Y N 91  
DAP "C5'"  C Y N 92  
DAP "C6'"  C Y N 93  
DAP C11    C N N 94  
DAP N4     N N N 95  
DAP N5     N N N 96  
DAP HN1    H N N 97  
DAP H3     H N N 98  
DAP H4     H N N 99  
DAP H5     H N N 100 
DAP H7     H N N 101 
DAP HN2    H N N 102 
DAP HN31   H N N 103 
DAP HN32   H N N 104 
DAP "H2'"  H N N 105 
DAP "H3'"  H N N 106 
DAP "H5'"  H N N 107 
DAP "H6'"  H N N 108 
DAP HN4    H N N 109 
DAP HN51   H N N 110 
DAP HN52   H N N 111 
DC  OP3    O N N 112 
DC  P      P N N 113 
DC  OP1    O N N 114 
DC  OP2    O N N 115 
DC  "O5'"  O N N 116 
DC  "C5'"  C N N 117 
DC  "C4'"  C N R 118 
DC  "O4'"  O N N 119 
DC  "C3'"  C N S 120 
DC  "O3'"  O N N 121 
DC  "C2'"  C N N 122 
DC  "C1'"  C N R 123 
DC  N1     N N N 124 
DC  C2     C N N 125 
DC  O2     O N N 126 
DC  N3     N N N 127 
DC  C4     C N N 128 
DC  N4     N N N 129 
DC  C5     C N N 130 
DC  C6     C N N 131 
DC  HOP3   H N N 132 
DC  HOP2   H N N 133 
DC  "H5'"  H N N 134 
DC  "H5''" H N N 135 
DC  "H4'"  H N N 136 
DC  "H3'"  H N N 137 
DC  "HO3'" H N N 138 
DC  "H2'"  H N N 139 
DC  "H2''" H N N 140 
DC  "H1'"  H N N 141 
DC  H41    H N N 142 
DC  H42    H N N 143 
DC  H5     H N N 144 
DC  H6     H N N 145 
DG  OP3    O N N 146 
DG  P      P N N 147 
DG  OP1    O N N 148 
DG  OP2    O N N 149 
DG  "O5'"  O N N 150 
DG  "C5'"  C N N 151 
DG  "C4'"  C N R 152 
DG  "O4'"  O N N 153 
DG  "C3'"  C N S 154 
DG  "O3'"  O N N 155 
DG  "C2'"  C N N 156 
DG  "C1'"  C N R 157 
DG  N9     N Y N 158 
DG  C8     C Y N 159 
DG  N7     N Y N 160 
DG  C5     C Y N 161 
DG  C6     C N N 162 
DG  O6     O N N 163 
DG  N1     N N N 164 
DG  C2     C N N 165 
DG  N2     N N N 166 
DG  N3     N N N 167 
DG  C4     C Y N 168 
DG  HOP3   H N N 169 
DG  HOP2   H N N 170 
DG  "H5'"  H N N 171 
DG  "H5''" H N N 172 
DG  "H4'"  H N N 173 
DG  "H3'"  H N N 174 
DG  "HO3'" H N N 175 
DG  "H2'"  H N N 176 
DG  "H2''" H N N 177 
DG  "H1'"  H N N 178 
DG  H8     H N N 179 
DG  H1     H N N 180 
DG  H21    H N N 181 
DG  H22    H N N 182 
DT  OP3    O N N 183 
DT  P      P N N 184 
DT  OP1    O N N 185 
DT  OP2    O N N 186 
DT  "O5'"  O N N 187 
DT  "C5'"  C N N 188 
DT  "C4'"  C N R 189 
DT  "O4'"  O N N 190 
DT  "C3'"  C N S 191 
DT  "O3'"  O N N 192 
DT  "C2'"  C N N 193 
DT  "C1'"  C N R 194 
DT  N1     N N N 195 
DT  C2     C N N 196 
DT  O2     O N N 197 
DT  N3     N N N 198 
DT  C4     C N N 199 
DT  O4     O N N 200 
DT  C5     C N N 201 
DT  C7     C N N 202 
DT  C6     C N N 203 
DT  HOP3   H N N 204 
DT  HOP2   H N N 205 
DT  "H5'"  H N N 206 
DT  "H5''" H N N 207 
DT  "H4'"  H N N 208 
DT  "H3'"  H N N 209 
DT  "HO3'" H N N 210 
DT  "H2'"  H N N 211 
DT  "H2''" H N N 212 
DT  "H1'"  H N N 213 
DT  H3     H N N 214 
DT  H71    H N N 215 
DT  H72    H N N 216 
DT  H73    H N N 217 
DT  H6     H N N 218 
HOH O      O N N 219 
HOH H1     H N N 220 
HOH H2     H N N 221 
# 
loop_
_chem_comp_bond.comp_id 
_chem_comp_bond.atom_id_1 
_chem_comp_bond.atom_id_2 
_chem_comp_bond.value_order 
_chem_comp_bond.pdbx_aromatic_flag 
_chem_comp_bond.pdbx_stereo_config 
_chem_comp_bond.pdbx_ordinal 
B7C OP3   P      sing N N 1   
B7C P     OP1    sing N N 2   
B7C P     OP2    doub N N 3   
B7C P     "O5'"  sing N N 4   
B7C "O5'" "C5'"  sing N N 5   
B7C N1    C6     sing N N 6   
B7C N1    C2     sing N N 7   
B7C N1    "C1'"  sing N N 8   
B7C C6    C5     doub N N 9   
B7C C2    O2     doub N N 10  
B7C C2    N3     sing N N 11  
B7C N3    C4     doub N N 12  
B7C C4    N4     sing N N 13  
B7C C4    C5     sing N N 14  
B7C N4    C9     sing N N 15  
B7C C5    C7     sing N N 16  
B7C C7    C8     doub N N 17  
B7C C8    C9     sing N N 18  
B7C "C2'" "C1'"  sing N N 19  
B7C "C2'" "C3'"  sing N N 20  
B7C "C5'" "C4'"  sing N N 21  
B7C "C4'" "O4'"  sing N N 22  
B7C "C4'" "C3'"  sing N N 23  
B7C "O4'" "C1'"  sing N N 24  
B7C "C3'" "O3'"  sing N N 25  
B7C OP3   HOP3   sing N N 26  
B7C OP1   HOP1   sing N N 27  
B7C C6    H6     sing N N 28  
B7C N4    HN4    sing N N 29  
B7C C7    H7     sing N N 30  
B7C C8    H8     sing N N 31  
B7C C9    H9     sing N N 32  
B7C C9    H9A    sing N N 33  
B7C "C2'" "H2'"  sing N N 34  
B7C "C2'" "H2'A" sing N N 35  
B7C "C5'" "H5'"  sing N N 36  
B7C "C5'" "H5'A" sing N N 37  
B7C "C4'" "H4'"  sing N N 38  
B7C "C1'" "H1'"  sing N N 39  
B7C "C3'" "H3'"  sing N N 40  
B7C "O3'" "HO3'" sing N N 41  
DA  OP3   P      sing N N 42  
DA  OP3   HOP3   sing N N 43  
DA  P     OP1    doub N N 44  
DA  P     OP2    sing N N 45  
DA  P     "O5'"  sing N N 46  
DA  OP2   HOP2   sing N N 47  
DA  "O5'" "C5'"  sing N N 48  
DA  "C5'" "C4'"  sing N N 49  
DA  "C5'" "H5'"  sing N N 50  
DA  "C5'" "H5''" sing N N 51  
DA  "C4'" "O4'"  sing N N 52  
DA  "C4'" "C3'"  sing N N 53  
DA  "C4'" "H4'"  sing N N 54  
DA  "O4'" "C1'"  sing N N 55  
DA  "C3'" "O3'"  sing N N 56  
DA  "C3'" "C2'"  sing N N 57  
DA  "C3'" "H3'"  sing N N 58  
DA  "O3'" "HO3'" sing N N 59  
DA  "C2'" "C1'"  sing N N 60  
DA  "C2'" "H2'"  sing N N 61  
DA  "C2'" "H2''" sing N N 62  
DA  "C1'" N9     sing N N 63  
DA  "C1'" "H1'"  sing N N 64  
DA  N9    C8     sing Y N 65  
DA  N9    C4     sing Y N 66  
DA  C8    N7     doub Y N 67  
DA  C8    H8     sing N N 68  
DA  N7    C5     sing Y N 69  
DA  C5    C6     sing Y N 70  
DA  C5    C4     doub Y N 71  
DA  C6    N6     sing N N 72  
DA  C6    N1     doub Y N 73  
DA  N6    H61    sing N N 74  
DA  N6    H62    sing N N 75  
DA  N1    C2     sing Y N 76  
DA  C2    N3     doub Y N 77  
DA  C2    H2     sing N N 78  
DA  N3    C4     sing Y N 79  
DAP N1    C2     sing Y N 80  
DAP N1    C8     sing Y N 81  
DAP N1    HN1    sing N N 82  
DAP C2    C3     doub Y N 83  
DAP C2    "C1'"  sing Y N 84  
DAP C3    C9     sing Y N 85  
DAP C3    H3     sing N N 86  
DAP C4    C5     doub Y N 87  
DAP C4    C9     sing Y N 88  
DAP C4    H4     sing N N 89  
DAP C5    C6     sing Y N 90  
DAP C5    H5     sing N N 91  
DAP C6    C7     doub Y N 92  
DAP C6    C10    sing N N 93  
DAP C7    C8     sing Y N 94  
DAP C7    H7     sing N N 95  
DAP C8    C9     doub Y N 96  
DAP C10   N2     doub N N 97  
DAP C10   N3     sing N N 98  
DAP N2    HN2    sing N N 99  
DAP N3    HN31   sing N N 100 
DAP N3    HN32   sing N N 101 
DAP "C1'" "C2'"  doub Y N 102 
DAP "C1'" "C6'"  sing Y N 103 
DAP "C2'" "C3'"  sing Y N 104 
DAP "C2'" "H2'"  sing N N 105 
DAP "C3'" "C4'"  doub Y N 106 
DAP "C3'" "H3'"  sing N N 107 
DAP "C4'" "C5'"  sing Y N 108 
DAP "C4'" C11    sing N N 109 
DAP "C5'" "C6'"  doub Y N 110 
DAP "C5'" "H5'"  sing N N 111 
DAP "C6'" "H6'"  sing N N 112 
DAP C11   N4     doub N N 113 
DAP C11   N5     sing N N 114 
DAP N4    HN4    sing N N 115 
DAP N5    HN51   sing N N 116 
DAP N5    HN52   sing N N 117 
DC  OP3   P      sing N N 118 
DC  OP3   HOP3   sing N N 119 
DC  P     OP1    doub N N 120 
DC  P     OP2    sing N N 121 
DC  P     "O5'"  sing N N 122 
DC  OP2   HOP2   sing N N 123 
DC  "O5'" "C5'"  sing N N 124 
DC  "C5'" "C4'"  sing N N 125 
DC  "C5'" "H5'"  sing N N 126 
DC  "C5'" "H5''" sing N N 127 
DC  "C4'" "O4'"  sing N N 128 
DC  "C4'" "C3'"  sing N N 129 
DC  "C4'" "H4'"  sing N N 130 
DC  "O4'" "C1'"  sing N N 131 
DC  "C3'" "O3'"  sing N N 132 
DC  "C3'" "C2'"  sing N N 133 
DC  "C3'" "H3'"  sing N N 134 
DC  "O3'" "HO3'" sing N N 135 
DC  "C2'" "C1'"  sing N N 136 
DC  "C2'" "H2'"  sing N N 137 
DC  "C2'" "H2''" sing N N 138 
DC  "C1'" N1     sing N N 139 
DC  "C1'" "H1'"  sing N N 140 
DC  N1    C2     sing N N 141 
DC  N1    C6     sing N N 142 
DC  C2    O2     doub N N 143 
DC  C2    N3     sing N N 144 
DC  N3    C4     doub N N 145 
DC  C4    N4     sing N N 146 
DC  C4    C5     sing N N 147 
DC  N4    H41    sing N N 148 
DC  N4    H42    sing N N 149 
DC  C5    C6     doub N N 150 
DC  C5    H5     sing N N 151 
DC  C6    H6     sing N N 152 
DG  OP3   P      sing N N 153 
DG  OP3   HOP3   sing N N 154 
DG  P     OP1    doub N N 155 
DG  P     OP2    sing N N 156 
DG  P     "O5'"  sing N N 157 
DG  OP2   HOP2   sing N N 158 
DG  "O5'" "C5'"  sing N N 159 
DG  "C5'" "C4'"  sing N N 160 
DG  "C5'" "H5'"  sing N N 161 
DG  "C5'" "H5''" sing N N 162 
DG  "C4'" "O4'"  sing N N 163 
DG  "C4'" "C3'"  sing N N 164 
DG  "C4'" "H4'"  sing N N 165 
DG  "O4'" "C1'"  sing N N 166 
DG  "C3'" "O3'"  sing N N 167 
DG  "C3'" "C2'"  sing N N 168 
DG  "C3'" "H3'"  sing N N 169 
DG  "O3'" "HO3'" sing N N 170 
DG  "C2'" "C1'"  sing N N 171 
DG  "C2'" "H2'"  sing N N 172 
DG  "C2'" "H2''" sing N N 173 
DG  "C1'" N9     sing N N 174 
DG  "C1'" "H1'"  sing N N 175 
DG  N9    C8     sing Y N 176 
DG  N9    C4     sing Y N 177 
DG  C8    N7     doub Y N 178 
DG  C8    H8     sing N N 179 
DG  N7    C5     sing Y N 180 
DG  C5    C6     sing N N 181 
DG  C5    C4     doub Y N 182 
DG  C6    O6     doub N N 183 
DG  C6    N1     sing N N 184 
DG  N1    C2     sing N N 185 
DG  N1    H1     sing N N 186 
DG  C2    N2     sing N N 187 
DG  C2    N3     doub N N 188 
DG  N2    H21    sing N N 189 
DG  N2    H22    sing N N 190 
DG  N3    C4     sing N N 191 
DT  OP3   P      sing N N 192 
DT  OP3   HOP3   sing N N 193 
DT  P     OP1    doub N N 194 
DT  P     OP2    sing N N 195 
DT  P     "O5'"  sing N N 196 
DT  OP2   HOP2   sing N N 197 
DT  "O5'" "C5'"  sing N N 198 
DT  "C5'" "C4'"  sing N N 199 
DT  "C5'" "H5'"  sing N N 200 
DT  "C5'" "H5''" sing N N 201 
DT  "C4'" "O4'"  sing N N 202 
DT  "C4'" "C3'"  sing N N 203 
DT  "C4'" "H4'"  sing N N 204 
DT  "O4'" "C1'"  sing N N 205 
DT  "C3'" "O3'"  sing N N 206 
DT  "C3'" "C2'"  sing N N 207 
DT  "C3'" "H3'"  sing N N 208 
DT  "O3'" "HO3'" sing N N 209 
DT  "C2'" "C1'"  sing N N 210 
DT  "C2'" "H2'"  sing N N 211 
DT  "C2'" "H2''" sing N N 212 
DT  "C1'" N1     sing N N 213 
DT  "C1'" "H1'"  sing N N 214 
DT  N1    C2     sing N N 215 
DT  N1    C6     sing N N 216 
DT  C2    O2     doub N N 217 
DT  C2    N3     sing N N 218 
DT  N3    C4     sing N N 219 
DT  N3    H3     sing N N 220 
DT  C4    O4     doub N N 221 
DT  C4    C5     sing N N 222 
DT  C5    C7     sing N N 223 
DT  C5    C6     doub N N 224 
DT  C7    H71    sing N N 225 
DT  C7    H72    sing N N 226 
DT  C7    H73    sing N N 227 
DT  C6    H6     sing N N 228 
HOH O     H1     sing N N 229 
HOH O     H2     sing N N 230 
# 
_ndb_struct_conf_na.entry_id   3GJH 
_ndb_struct_conf_na.feature    'b-form double helix' 
# 
loop_
_ndb_struct_na_base_pair.model_number 
_ndb_struct_na_base_pair.i_label_asym_id 
_ndb_struct_na_base_pair.i_label_comp_id 
_ndb_struct_na_base_pair.i_label_seq_id 
_ndb_struct_na_base_pair.i_symmetry 
_ndb_struct_na_base_pair.j_label_asym_id 
_ndb_struct_na_base_pair.j_label_comp_id 
_ndb_struct_na_base_pair.j_label_seq_id 
_ndb_struct_na_base_pair.j_symmetry 
_ndb_struct_na_base_pair.shear 
_ndb_struct_na_base_pair.stretch 
_ndb_struct_na_base_pair.stagger 
_ndb_struct_na_base_pair.buckle 
_ndb_struct_na_base_pair.propeller 
_ndb_struct_na_base_pair.opening 
_ndb_struct_na_base_pair.pair_number 
_ndb_struct_na_base_pair.pair_name 
_ndb_struct_na_base_pair.i_auth_asym_id 
_ndb_struct_na_base_pair.i_auth_seq_id 
_ndb_struct_na_base_pair.i_PDB_ins_code 
_ndb_struct_na_base_pair.j_auth_asym_id 
_ndb_struct_na_base_pair.j_auth_seq_id 
_ndb_struct_na_base_pair.j_PDB_ins_code 
_ndb_struct_na_base_pair.hbond_type_28 
_ndb_struct_na_base_pair.hbond_type_12 
1 A DC  1  1_555 B DG  12 1_555 0.113  -0.167 0.064  3.373  -7.019  -5.147 1  A_DC1:DG24_B  A 1  ? B 24 ? 19 1 
1 A DG  2  1_555 B DC  11 1_555 -0.201 -0.239 0.260  0.407  -1.719  -2.556 2  A_DG2:DC23_B  A 2  ? B 23 ? 19 1 
1 A DC  3  1_555 B DG  10 1_555 -0.202 -0.002 -0.026 -5.373 3.523   -1.965 3  A_DC3:DG22_B  A 3  ? B 22 ? 19 1 
1 A DG  4  1_555 B B7C 9  1_555 -0.108 -0.263 -0.290 7.903  -8.200  -2.544 4  A_DG4:B7C21_B A 4  ? B 21 ? 19 1 
1 A DA  5  1_555 B DT  8  1_555 0.102  -0.184 0.222  8.287  -8.824  2.368  5  A_DA5:DT20_B  A 5  ? B 20 ? 20 1 
1 A DA  6  1_555 B DT  7  1_555 0.142  -0.193 -0.023 5.457  -16.108 5.418  6  A_DA6:DT19_B  A 6  ? B 19 ? 20 1 
1 A DT  7  1_555 B DA  6  1_555 -0.076 -0.227 0.254  -1.572 -16.464 5.760  7  A_DT7:DA18_B  A 7  ? B 18 ? 20 1 
1 A DT  8  1_555 B DA  5  1_555 0.226  -0.233 0.253  -6.619 -10.802 2.409  8  A_DT8:DA17_B  A 8  ? B 17 ? 20 1 
1 A B7C 9  1_555 B DG  4  1_555 0.248  -0.102 0.045  -6.725 -4.081  0.617  9  A_B7C9:DG16_B A 9  ? B 16 ? 19 1 
1 A DG  10 1_555 B DC  3  1_555 0.081  -0.204 0.211  0.409  1.328   -1.083 10 A_DG10:DC15_B A 10 ? B 15 ? 19 1 
1 A DC  11 1_555 B DG  2  1_555 -0.007 -0.208 0.689  -7.835 -7.803  -4.033 11 A_DC11:DG14_B A 11 ? B 14 ? 19 1 
1 A DG  12 1_555 B DC  1  1_555 -0.081 -0.112 0.319  0.504  -2.488  -6.058 12 A_DG12:DC13_B A 12 ? B 13 ? 19 1 
# 
loop_
_ndb_struct_na_base_pair_step.model_number 
_ndb_struct_na_base_pair_step.i_label_asym_id_1 
_ndb_struct_na_base_pair_step.i_label_comp_id_1 
_ndb_struct_na_base_pair_step.i_label_seq_id_1 
_ndb_struct_na_base_pair_step.i_symmetry_1 
_ndb_struct_na_base_pair_step.j_label_asym_id_1 
_ndb_struct_na_base_pair_step.j_label_comp_id_1 
_ndb_struct_na_base_pair_step.j_label_seq_id_1 
_ndb_struct_na_base_pair_step.j_symmetry_1 
_ndb_struct_na_base_pair_step.i_label_asym_id_2 
_ndb_struct_na_base_pair_step.i_label_comp_id_2 
_ndb_struct_na_base_pair_step.i_label_seq_id_2 
_ndb_struct_na_base_pair_step.i_symmetry_2 
_ndb_struct_na_base_pair_step.j_label_asym_id_2 
_ndb_struct_na_base_pair_step.j_label_comp_id_2 
_ndb_struct_na_base_pair_step.j_label_seq_id_2 
_ndb_struct_na_base_pair_step.j_symmetry_2 
_ndb_struct_na_base_pair_step.shift 
_ndb_struct_na_base_pair_step.slide 
_ndb_struct_na_base_pair_step.rise 
_ndb_struct_na_base_pair_step.tilt 
_ndb_struct_na_base_pair_step.roll 
_ndb_struct_na_base_pair_step.twist 
_ndb_struct_na_base_pair_step.x_displacement 
_ndb_struct_na_base_pair_step.y_displacement 
_ndb_struct_na_base_pair_step.helical_rise 
_ndb_struct_na_base_pair_step.inclination 
_ndb_struct_na_base_pair_step.tip 
_ndb_struct_na_base_pair_step.helical_twist 
_ndb_struct_na_base_pair_step.step_number 
_ndb_struct_na_base_pair_step.step_name 
_ndb_struct_na_base_pair_step.i_auth_asym_id_1 
_ndb_struct_na_base_pair_step.i_auth_seq_id_1 
_ndb_struct_na_base_pair_step.i_PDB_ins_code_1 
_ndb_struct_na_base_pair_step.j_auth_asym_id_1 
_ndb_struct_na_base_pair_step.j_auth_seq_id_1 
_ndb_struct_na_base_pair_step.j_PDB_ins_code_1 
_ndb_struct_na_base_pair_step.i_auth_asym_id_2 
_ndb_struct_na_base_pair_step.i_auth_seq_id_2 
_ndb_struct_na_base_pair_step.i_PDB_ins_code_2 
_ndb_struct_na_base_pair_step.j_auth_asym_id_2 
_ndb_struct_na_base_pair_step.j_auth_seq_id_2 
_ndb_struct_na_base_pair_step.j_PDB_ins_code_2 
1 A DC  1  1_555 B DG  12 1_555 A DG  2  1_555 B DC  11 1_555 0.470  0.232  3.326 2.164  5.286  33.088 -0.489 -0.449 3.346 9.197   
-3.765 33.564 1  AA_DC1DG2:DC23DG24_BB   A 1  ? B 24 ? A 2  ? B 23 ? 
1 A DG  2  1_555 B DC  11 1_555 A DC  3  1_555 B DG  10 1_555 0.395  0.015  3.496 2.336  -1.633 35.946 0.273  -0.284 3.510 -2.640  
-3.777 36.055 2  AA_DG2DC3:DG22DC23_BB   A 2  ? B 23 ? A 3  ? B 22 ? 
1 A DC  3  1_555 B DG  10 1_555 A DG  4  1_555 B B7C 9  1_555 -0.537 0.558  3.162 3.002  5.693  34.423 0.093  1.333  3.155 9.516   
-5.018 35.001 3  AA_DC3DG4:B7C21DG22_BB  A 3  ? B 22 ? A 4  ? B 21 ? 
1 A DG  4  1_555 B B7C 9  1_555 A DA  5  1_555 B DT  8  1_555 0.098  -0.063 3.241 -4.896 0.902  36.333 -0.222 -0.819 3.199 1.439   
7.806  36.661 4  AA_DG4DA5:DT20B7C21_BB  A 4  ? B 21 ? A 5  ? B 20 ? 
1 A DA  5  1_555 B DT  8  1_555 A DA  6  1_555 B DT  7  1_555 -0.100 -0.123 3.354 1.052  3.361  38.205 -0.617 0.287  3.328 5.121   
-1.603 38.361 5  AA_DA5DA6:DT19DT20_BB   A 5  ? B 20 ? A 6  ? B 19 ? 
1 A DA  6  1_555 B DT  7  1_555 A DT  7  1_555 B DA  6  1_555 -0.072 -0.586 3.369 -3.588 -3.316 32.238 -0.444 -0.521 3.398 -5.929  
6.416  32.596 6  AA_DA6DT7:DA18DT19_BB   A 6  ? B 19 ? A 7  ? B 18 ? 
1 A DT  7  1_555 B DA  6  1_555 A DT  8  1_555 B DA  5  1_555 0.049  -0.174 3.384 1.432  0.434  35.894 -0.347 0.133  3.381 0.704   
-2.323 35.924 7  AA_DT7DT8:DA17DA18_BB   A 7  ? B 18 ? A 8  ? B 17 ? 
1 A DT  8  1_555 B DA  5  1_555 A B7C 9  1_555 B DG  4  1_555 0.044  -0.281 3.235 2.629  -2.380 37.758 -0.131 0.266  3.242 -3.668  
-4.051 37.918 8  AA_DT8B7C9:DG16DA17_BB  A 8  ? B 17 ? A 9  ? B 16 ? 
1 A B7C 9  1_555 B DG  4  1_555 A DG  10 1_555 B DC  3  1_555 0.346  0.536  3.198 -2.575 2.948  32.966 0.454  -1.030 3.197 5.173   
4.517  33.191 9  AA_B7C9DG10:DC15DG16_BB A 9  ? B 16 ? A 10 ? B 15 ? 
1 A DG  10 1_555 B DC  3  1_555 A DC  11 1_555 B DG  2  1_555 -0.910 0.609  3.636 -4.758 -6.754 37.463 1.869  0.723  3.562 -10.362 
7.300  38.331 10 AA_DG10DC11:DG14DC15_BB A 10 ? B 15 ? A 11 ? B 14 ? 
1 A DC  11 1_555 B DG  2  1_555 A DG  12 1_555 B DC  1  1_555 -0.518 0.518  3.127 0.724  1.275  39.632 0.621  0.844  3.131 1.880   
-1.067 39.658 11 AA_DC11DG12:DC13DG14_BB A 11 ? B 14 ? A 12 ? B 13 ? 
# 
loop_
_pdbx_entity_nonpoly.entity_id 
_pdbx_entity_nonpoly.name 
_pdbx_entity_nonpoly.comp_id 
2 '6-AMIDINE-2-(4-AMIDINO-PHENYL)INDOLE' DAP 
3 water                                  HOH 
# 
_pdbx_initial_refinement_model.id               1 
_pdbx_initial_refinement_model.entity_id_list   ? 
_pdbx_initial_refinement_model.type             'experimental model' 
_pdbx_initial_refinement_model.source_name      PDB 
_pdbx_initial_refinement_model.accession_code   1D30 
_pdbx_initial_refinement_model.details          ? 
# 
